data_4QF1
#
_entry.id   4QF1
#
_cell.length_a   76.332
_cell.length_b   70.803
_cell.length_c   107.314
_cell.angle_alpha   90.00
_cell.angle_beta   96.84
_cell.angle_gamma   90.00
#
_symmetry.space_group_name_H-M   'P 1 21 1'
#
loop_
_entity.id
_entity.type
_entity.pdbx_description
1 polymer 'CH59UA Fab fragment of heavy chain'
2 polymer 'Inferred unmutated ancestor (UA) of anti-HIV antibody CH59'
3 non-polymer '2-(N-MORPHOLINO)-ETHANESULFONIC ACID'
4 non-polymer 'TRIETHYLENE GLYCOL'
5 non-polymer 'CHLORIDE ION'
6 non-polymer 'TETRAETHYLENE GLYCOL'
7 water water
#
loop_
_entity_poly.entity_id
_entity_poly.type
_entity_poly.pdbx_seq_one_letter_code
_entity_poly.pdbx_strand_id
1 'polypeptide(L)'
;EVQLVESGGGLVQPGRSLRLSCAASGFTFDDYAMHWVRQAPGKGLEWVSGISWNSGSIGYADSVKGRFTISRDNAKNSLY
LQMNSLRAEDTALYYCAKDSPRGELPFDYWGQGTLVTVSSASTKGPSVFPLAPSSKSTSGGTAALGCLVKDYFPEPVTVS
WNSGALTSGVHTFPAVLQSSGLYSLSSVVTVPSSSLGTQTYICNVNHKPSNTKVDKRVEPKSCDK
;
H,A
2 'polypeptide(L)'
;SYELTQPPSVSVSPGQTARITCSGDALPKKYAYWYQQKSGQAPVLVIYEDSKRPSGIPERFSGSSSGTMATLTISGAQVE
DEADYYCYSTDSSGNHRVFGGGTKLTVLGQPKAAPSVTLFPPSSEELQANKATLVCLISDFYPGAVTVAWKADSSPVKAG
VETTTPSKQSNNKYAASSYLSLTPEQWKSHRSYSCQVTHEGSTVEKTVAPTECS
;
L,B
#
loop_
_chem_comp.id
_chem_comp.type
_chem_comp.name
_chem_comp.formula
CL non-polymer 'CHLORIDE ION' 'Cl -1'
MES non-polymer '2-(N-MORPHOLINO)-ETHANESULFONIC ACID' 'C6 H13 N O4 S'
PG4 non-polymer 'TETRAETHYLENE GLYCOL' 'C8 H18 O5'
PGE non-polymer 'TRIETHYLENE GLYCOL' 'C6 H14 O4'
#
# COMPACT_ATOMS: atom_id res chain seq x y z
N GLU A 1 -14.77 14.99 -20.70
CA GLU A 1 -15.67 13.86 -20.79
C GLU A 1 -15.73 13.07 -19.49
N VAL A 2 -14.58 12.91 -18.84
CA VAL A 2 -14.50 12.27 -17.54
C VAL A 2 -15.38 12.98 -16.50
N GLN A 3 -16.11 12.19 -15.72
CA GLN A 3 -16.95 12.75 -14.69
C GLN A 3 -17.01 11.89 -13.43
N LEU A 4 -16.82 12.51 -12.28
CA LEU A 4 -17.04 11.86 -10.99
C LEU A 4 -18.10 12.65 -10.24
N VAL A 5 -19.20 12.00 -9.87
CA VAL A 5 -20.25 12.66 -9.09
C VAL A 5 -20.58 11.88 -7.83
N GLU A 6 -20.44 12.52 -6.69
CA GLU A 6 -20.70 11.84 -5.43
C GLU A 6 -22.06 12.23 -4.82
N SER A 7 -22.50 11.45 -3.84
CA SER A 7 -23.81 11.69 -3.25
C SER A 7 -23.94 10.91 -1.98
N GLY A 8 -25.03 11.16 -1.26
CA GLY A 8 -25.33 10.44 -0.06
C GLY A 8 -25.03 11.24 1.19
N GLY A 9 -24.32 12.36 1.05
CA GLY A 9 -24.06 13.20 2.20
C GLY A 9 -25.33 13.80 2.77
N GLY A 10 -25.27 14.28 4.01
CA GLY A 10 -26.44 14.85 4.65
C GLY A 10 -26.17 15.21 6.09
N LEU A 11 -27.24 15.59 6.80
CA LEU A 11 -27.16 15.93 8.22
C LEU A 11 -27.61 14.74 9.05
N VAL A 12 -26.74 14.26 9.92
CA VAL A 12 -27.06 13.15 10.82
C VAL A 12 -26.52 13.40 12.22
N GLN A 13 -26.98 12.61 13.17
CA GLN A 13 -26.51 12.70 14.54
C GLN A 13 -25.37 11.72 14.78
N PRO A 14 -24.52 12.00 15.77
CA PRO A 14 -23.43 11.08 16.10
C PRO A 14 -23.94 9.66 16.40
N GLY A 15 -23.17 8.65 16.00
CA GLY A 15 -23.55 7.26 16.24
C GLY A 15 -24.26 6.66 15.05
N ARG A 16 -24.86 7.52 14.22
CA ARG A 16 -25.61 7.08 13.05
C ARG A 16 -24.72 6.69 11.87
N SER A 17 -25.36 6.27 10.80
CA SER A 17 -24.66 5.79 9.63
C SER A 17 -25.06 6.56 8.39
N LEU A 18 -24.17 6.57 7.40
CA LEU A 18 -24.48 7.22 6.16
C LEU A 18 -23.76 6.42 5.09
N ARG A 19 -24.36 6.34 3.91
CA ARG A 19 -23.69 5.66 2.80
C ARG A 19 -23.48 6.63 1.64
N LEU A 20 -22.22 6.85 1.31
CA LEU A 20 -21.87 7.69 0.17
C LEU A 20 -21.70 6.86 -1.10
N SER A 21 -22.12 7.43 -2.24
CA SER A 21 -21.87 6.81 -3.55
C SER A 21 -21.11 7.77 -4.43
N CYS A 22 -20.43 7.22 -5.42
CA CYS A 22 -19.78 8.01 -6.43
C CYS A 22 -19.94 7.32 -7.79
N ALA A 23 -20.50 8.03 -8.75
CA ALA A 23 -20.71 7.47 -10.08
C ALA A 23 -19.68 8.05 -11.03
N ALA A 24 -19.02 7.17 -11.78
CA ALA A 24 -17.97 7.55 -12.72
C ALA A 24 -18.42 7.33 -14.15
N SER A 25 -18.22 8.34 -15.00
CA SER A 25 -18.49 8.19 -16.43
C SER A 25 -17.39 8.85 -17.27
N GLY A 26 -17.38 8.56 -18.58
CA GLY A 26 -16.38 9.14 -19.47
C GLY A 26 -15.03 8.44 -19.46
N PHE A 27 -14.92 7.38 -18.66
CA PHE A 27 -13.71 6.56 -18.63
C PHE A 27 -13.99 5.15 -18.12
N THR A 28 -13.06 4.25 -18.33
CA THR A 28 -13.26 2.87 -17.89
C THR A 28 -12.92 2.73 -16.40
N PHE A 29 -13.90 3.05 -15.56
CA PHE A 29 -13.83 2.94 -14.11
C PHE A 29 -13.11 1.68 -13.62
N ASP A 30 -13.29 0.57 -14.33
CA ASP A 30 -12.70 -0.72 -13.98
C ASP A 30 -11.17 -0.70 -13.89
N ASP A 31 -10.54 0.24 -14.57
CA ASP A 31 -9.08 0.20 -14.70
C ASP A 31 -8.34 1.06 -13.65
N TYR A 32 -9.07 1.74 -12.77
CA TYR A 32 -8.45 2.74 -11.92
C TYR A 32 -8.68 2.55 -10.42
N ALA A 33 -7.63 2.80 -9.65
CA ALA A 33 -7.74 2.97 -8.20
C ALA A 33 -8.60 4.17 -7.85
N MET A 34 -9.44 4.01 -6.81
CA MET A 34 -10.37 5.05 -6.40
C MET A 34 -10.17 5.42 -4.92
N HIS A 35 -10.47 6.67 -4.57
CA HIS A 35 -10.24 7.15 -3.23
C HIS A 35 -11.33 8.09 -2.72
N TRP A 36 -11.49 8.12 -1.41
CA TRP A 36 -12.28 9.14 -0.77
C TRP A 36 -11.33 10.07 -0.06
N VAL A 37 -11.48 11.38 -0.31
CA VAL A 37 -10.68 12.38 0.38
C VAL A 37 -11.65 13.38 0.98
N ARG A 38 -11.40 13.80 2.21
CA ARG A 38 -12.35 14.68 2.86
C ARG A 38 -11.73 15.99 3.30
N GLN A 39 -12.58 17.00 3.49
CA GLN A 39 -12.12 18.32 3.88
C GLN A 39 -13.14 18.99 4.78
N ALA A 40 -12.76 19.19 6.04
CA ALA A 40 -13.65 19.86 6.97
C ALA A 40 -13.65 21.35 6.66
N PRO A 41 -14.77 22.03 6.95
CA PRO A 41 -14.90 23.47 6.65
C PRO A 41 -13.72 24.30 7.15
N GLY A 42 -13.04 25.00 6.23
CA GLY A 42 -11.89 25.82 6.58
C GLY A 42 -10.62 25.05 6.89
N LYS A 43 -10.61 23.74 6.65
CA LYS A 43 -9.45 22.94 7.02
C LYS A 43 -8.82 22.25 5.80
N GLY A 44 -7.74 21.50 6.01
CA GLY A 44 -6.99 20.92 4.91
C GLY A 44 -7.57 19.66 4.33
N LEU A 45 -6.87 19.06 3.36
CA LEU A 45 -7.33 17.81 2.77
C LEU A 45 -6.87 16.61 3.59
N GLU A 46 -7.74 15.62 3.71
CA GLU A 46 -7.40 14.42 4.48
C GLU A 46 -7.85 13.16 3.75
N TRP A 47 -6.89 12.32 3.37
CA TRP A 47 -7.21 11.05 2.75
C TRP A 47 -8.03 10.19 3.71
N VAL A 48 -9.09 9.60 3.20
CA VAL A 48 -9.95 8.75 4.01
C VAL A 48 -9.72 7.25 3.75
N SER A 49 -9.69 6.89 2.48
CA SER A 49 -9.70 5.49 2.10
C SER A 49 -9.46 5.34 0.60
N GLY A 50 -8.79 4.24 0.24
CA GLY A 50 -8.52 3.91 -1.14
C GLY A 50 -8.75 2.43 -1.46
N ILE A 51 -8.99 2.16 -2.74
CA ILE A 51 -9.29 0.82 -3.20
C ILE A 51 -8.83 0.61 -4.65
N SER A 52 -8.08 -0.47 -4.87
CA SER A 52 -7.56 -0.78 -6.20
C SER A 52 -8.68 -1.21 -7.16
N TRP A 53 -8.33 -1.32 -8.44
CA TRP A 53 -9.30 -1.60 -9.49
C TRP A 53 -10.17 -2.83 -9.22
N ASN A 54 -9.54 -3.92 -8.78
CA ASN A 54 -10.26 -5.17 -8.54
C ASN A 54 -10.57 -5.42 -7.06
N SER A 55 -10.43 -4.37 -6.24
CA SER A 55 -10.67 -4.45 -4.79
C SER A 55 -9.66 -5.29 -4.02
N GLY A 56 -8.57 -5.69 -4.66
CA GLY A 56 -7.58 -6.55 -4.02
C GLY A 56 -6.78 -5.84 -2.95
N SER A 57 -6.76 -4.51 -3.03
CA SER A 57 -5.96 -3.73 -2.10
C SER A 57 -6.73 -2.54 -1.53
N ILE A 58 -6.84 -2.50 -0.21
CA ILE A 58 -7.65 -1.49 0.46
C ILE A 58 -6.91 -0.89 1.65
N GLY A 59 -6.98 0.46 1.77
CA GLY A 59 -6.36 1.19 2.87
C GLY A 59 -7.30 2.20 3.52
N TYR A 60 -7.15 2.41 4.84
CA TYR A 60 -7.94 3.42 5.56
C TYR A 60 -7.04 4.38 6.32
N ALA A 61 -7.49 5.61 6.51
CA ALA A 61 -6.87 6.51 7.49
C ALA A 61 -7.08 5.92 8.87
N ASP A 62 -6.14 6.14 9.78
CA ASP A 62 -6.27 5.60 11.13
C ASP A 62 -7.48 6.20 11.83
N SER A 63 -7.83 7.43 11.46
CA SER A 63 -8.96 8.09 12.13
C SER A 63 -10.30 7.44 11.79
N VAL A 64 -10.35 6.69 10.68
CA VAL A 64 -11.60 6.03 10.29
C VAL A 64 -11.57 4.49 10.23
N LYS A 65 -10.39 3.89 10.41
CA LYS A 65 -10.28 2.44 10.40
C LYS A 65 -11.22 1.79 11.39
N GLY A 66 -11.99 0.81 10.91
CA GLY A 66 -12.93 0.06 11.74
C GLY A 66 -14.34 0.62 11.76
N ARG A 67 -14.50 1.89 11.37
CA ARG A 67 -15.82 2.53 11.34
C ARG A 67 -16.35 2.66 9.92
N PHE A 68 -15.46 2.99 8.98
CA PHE A 68 -15.87 3.19 7.59
C PHE A 68 -15.47 1.97 6.77
N THR A 69 -16.23 1.71 5.72
CA THR A 69 -15.91 0.64 4.77
C THR A 69 -16.04 1.10 3.32
N ILE A 70 -14.97 0.91 2.55
CA ILE A 70 -14.97 1.33 1.16
C ILE A 70 -15.29 0.12 0.31
N SER A 71 -15.97 0.34 -0.81
CA SER A 71 -16.16 -0.74 -1.78
C SER A 71 -16.48 -0.14 -3.13
N ARG A 72 -16.60 -1.00 -4.14
CA ARG A 72 -16.85 -0.55 -5.49
C ARG A 72 -17.61 -1.62 -6.24
N ASP A 73 -18.29 -1.21 -7.30
CA ASP A 73 -18.95 -2.17 -8.18
C ASP A 73 -18.60 -1.77 -9.60
N ASN A 74 -17.61 -2.45 -10.19
CA ASN A 74 -17.10 -2.07 -11.49
C ASN A 74 -18.16 -2.13 -12.59
N ALA A 75 -19.09 -3.07 -12.45
CA ALA A 75 -20.16 -3.19 -13.44
C ALA A 75 -21.05 -1.96 -13.36
N LYS A 76 -21.22 -1.44 -12.14
CA LYS A 76 -22.08 -0.30 -11.88
C LYS A 76 -21.33 1.03 -11.86
N ASN A 77 -20.03 0.99 -12.17
CA ASN A 77 -19.22 2.20 -12.24
C ASN A 77 -19.34 3.08 -10.99
N SER A 78 -19.44 2.41 -9.84
CA SER A 78 -19.70 3.13 -8.61
C SER A 78 -18.74 2.78 -7.49
N LEU A 79 -18.30 3.83 -6.79
CA LEU A 79 -17.48 3.70 -5.60
C LEU A 79 -18.38 4.01 -4.42
N TYR A 80 -18.26 3.22 -3.35
CA TYR A 80 -19.09 3.44 -2.17
C TYR A 80 -18.24 3.74 -0.94
N LEU A 81 -18.86 4.38 0.04
CA LEU A 81 -18.28 4.49 1.38
C LEU A 81 -19.36 4.32 2.44
N GLN A 82 -19.39 3.18 3.11
CA GLN A 82 -20.32 2.96 4.20
C GLN A 82 -19.67 3.53 5.45
N MET A 83 -20.34 4.50 6.06
CA MET A 83 -19.82 5.18 7.23
C MET A 83 -20.64 4.86 8.46
N ASN A 84 -20.09 4.07 9.37
CA ASN A 84 -20.76 3.78 10.64
C ASN A 84 -20.16 4.55 11.81
N SER A 85 -20.88 4.56 12.94
CA SER A 85 -20.43 5.20 14.18
C SER A 85 -19.88 6.61 13.95
N LEU A 86 -20.66 7.43 13.25
CA LEU A 86 -20.23 8.76 12.88
C LEU A 86 -19.99 9.67 14.09
N ARG A 87 -18.95 10.50 14.02
CA ARG A 87 -18.63 11.42 15.11
C ARG A 87 -18.59 12.83 14.54
N ALA A 88 -18.79 13.82 15.41
CA ALA A 88 -18.73 15.23 15.00
C ALA A 88 -17.49 15.56 14.15
N GLU A 89 -16.35 14.96 14.52
CA GLU A 89 -15.10 15.15 13.79
C GLU A 89 -15.11 14.63 12.35
N ASP A 90 -16.12 13.83 12.00
CA ASP A 90 -16.20 13.33 10.62
C ASP A 90 -16.84 14.34 9.66
N THR A 91 -17.29 15.49 10.19
CA THR A 91 -17.93 16.53 9.39
C THR A 91 -16.96 17.06 8.36
N ALA A 92 -17.30 16.92 7.08
CA ALA A 92 -16.43 17.38 6.01
C ALA A 92 -17.17 17.33 4.69
N LEU A 93 -16.57 17.94 3.67
CA LEU A 93 -16.95 17.68 2.30
C LEU A 93 -16.17 16.43 1.87
N TYR A 94 -16.89 15.45 1.34
CA TYR A 94 -16.26 14.17 0.97
C TYR A 94 -16.09 14.11 -0.54
N TYR A 95 -14.83 14.09 -0.97
CA TYR A 95 -14.48 14.01 -2.38
C TYR A 95 -14.25 12.57 -2.84
N CYS A 96 -14.71 12.30 -4.04
CA CYS A 96 -14.33 11.12 -4.81
C CYS A 96 -13.14 11.51 -5.70
N ALA A 97 -12.13 10.66 -5.77
CA ALA A 97 -10.97 10.91 -6.66
C ALA A 97 -10.38 9.62 -7.22
N LYS A 98 -9.84 9.69 -8.43
CA LYS A 98 -9.17 8.55 -9.06
C LYS A 98 -7.67 8.81 -9.22
N ASP A 99 -6.91 7.73 -9.34
CA ASP A 99 -5.51 7.77 -9.75
C ASP A 99 -5.43 7.57 -11.26
N SER A 100 -4.29 7.92 -11.85
CA SER A 100 -4.04 7.64 -13.25
C SER A 100 -3.76 6.15 -13.35
N PRO A 101 -3.63 5.61 -14.57
CA PRO A 101 -3.21 4.21 -14.59
C PRO A 101 -1.79 4.07 -14.02
N ARG A 102 -1.57 3.00 -13.28
CA ARG A 102 -0.27 2.70 -12.65
C ARG A 102 0.01 3.60 -11.45
N GLY A 103 -0.87 4.56 -11.20
CA GLY A 103 -0.74 5.43 -10.05
C GLY A 103 0.32 6.51 -10.19
N GLU A 104 0.81 6.71 -11.41
CA GLU A 104 1.80 7.74 -11.68
C GLU A 104 1.28 9.13 -11.27
N LEU A 105 0.03 9.40 -11.60
CA LEU A 105 -0.58 10.66 -11.18
C LEU A 105 -1.66 10.36 -10.16
N PRO A 106 -1.32 10.47 -8.86
CA PRO A 106 -2.32 10.21 -7.82
C PRO A 106 -3.39 11.32 -7.77
N PHE A 107 -4.64 10.93 -7.48
CA PHE A 107 -5.75 11.88 -7.45
C PHE A 107 -5.77 12.79 -8.69
N ASP A 108 -5.75 12.22 -9.89
CA ASP A 108 -5.63 13.06 -11.08
C ASP A 108 -6.96 13.65 -11.54
N TYR A 109 -8.05 13.20 -10.94
CA TYR A 109 -9.34 13.81 -11.18
C TYR A 109 -10.24 13.63 -9.95
N TRP A 110 -10.99 14.66 -9.63
CA TRP A 110 -11.77 14.75 -8.40
C TRP A 110 -13.20 15.14 -8.71
N GLY A 111 -14.16 14.65 -7.94
CA GLY A 111 -15.52 15.13 -8.03
C GLY A 111 -15.63 16.45 -7.28
N GLN A 112 -16.83 17.02 -7.25
CA GLN A 112 -17.04 18.27 -6.55
C GLN A 112 -17.37 18.07 -5.07
N GLY A 113 -17.58 16.82 -4.67
CA GLY A 113 -17.85 16.52 -3.27
C GLY A 113 -19.30 16.47 -2.83
N THR A 114 -19.55 15.66 -1.81
CA THR A 114 -20.84 15.63 -1.14
C THR A 114 -20.62 15.95 0.34
N LEU A 115 -21.47 16.77 0.91
CA LEU A 115 -21.27 17.30 2.26
C LEU A 115 -21.89 16.43 3.34
N VAL A 116 -21.07 16.12 4.34
CA VAL A 116 -21.49 15.34 5.50
C VAL A 116 -21.35 16.18 6.76
N THR A 117 -22.48 16.44 7.41
CA THR A 117 -22.52 17.21 8.66
C THR A 117 -23.02 16.31 9.78
N VAL A 118 -22.17 16.10 10.78
CA VAL A 118 -22.56 15.29 11.94
C VAL A 118 -22.69 16.20 13.15
N SER A 119 -23.89 16.24 13.71
CA SER A 119 -24.16 17.19 14.78
C SER A 119 -25.12 16.61 15.81
N SER A 120 -24.74 16.72 17.08
CA SER A 120 -25.63 16.38 18.17
C SER A 120 -26.92 17.17 17.99
N ALA A 121 -28.03 16.58 18.43
CA ALA A 121 -29.33 17.26 18.39
C ALA A 121 -29.54 18.07 19.66
N SER A 122 -28.61 17.94 20.60
CA SER A 122 -28.69 18.67 21.85
C SER A 122 -28.25 20.13 21.64
N THR A 123 -28.77 21.00 22.49
CA THR A 123 -28.60 22.42 22.30
C THR A 123 -28.16 23.09 23.60
N LYS A 124 -27.28 24.08 23.49
CA LYS A 124 -26.94 24.89 24.66
C LYS A 124 -27.07 26.37 24.33
N GLY A 125 -27.76 27.10 25.19
CA GLY A 125 -27.93 28.54 25.01
C GLY A 125 -26.69 29.31 25.44
N PRO A 126 -26.52 30.50 24.86
CA PRO A 126 -25.36 31.38 25.11
C PRO A 126 -25.39 32.09 26.44
N SER A 127 -24.21 32.23 27.05
CA SER A 127 -24.01 33.15 28.15
C SER A 127 -23.54 34.44 27.50
N VAL A 128 -24.25 35.54 27.76
CA VAL A 128 -23.92 36.80 27.12
C VAL A 128 -23.30 37.76 28.13
N PHE A 129 -22.09 38.23 27.84
CA PHE A 129 -21.39 39.14 28.75
C PHE A 129 -21.13 40.47 28.07
N PRO A 130 -21.18 41.57 28.83
CA PRO A 130 -20.91 42.88 28.22
C PRO A 130 -19.42 43.07 28.00
N LEU A 131 -19.08 43.64 26.84
CA LEU A 131 -17.72 44.10 26.59
C LEU A 131 -17.77 45.61 26.76
N ALA A 132 -17.42 46.05 27.97
CA ALA A 132 -17.67 47.44 28.37
C ALA A 132 -16.62 48.41 27.83
N PRO A 133 -17.05 49.63 27.48
CA PRO A 133 -16.13 50.70 27.07
C PRO A 133 -15.27 51.18 28.24
N THR A 142 -14.82 56.98 18.49
CA THR A 142 -14.06 57.34 19.69
C THR A 142 -14.19 56.33 20.85
N ALA A 143 -15.03 55.31 20.68
CA ALA A 143 -15.19 54.26 21.69
C ALA A 143 -15.82 52.98 21.17
N ALA A 144 -15.33 51.85 21.65
CA ALA A 144 -15.83 50.54 21.20
C ALA A 144 -16.42 49.72 22.34
N LEU A 145 -17.59 49.14 22.10
CA LEU A 145 -18.18 48.26 23.10
C LEU A 145 -18.85 47.08 22.41
N GLY A 146 -19.18 46.06 23.19
CA GLY A 146 -19.85 44.93 22.61
C GLY A 146 -20.37 43.90 23.56
N CYS A 147 -20.56 42.70 23.03
CA CYS A 147 -21.09 41.57 23.76
C CYS A 147 -20.29 40.31 23.44
N LEU A 148 -19.96 39.56 24.47
CA LEU A 148 -19.38 38.24 24.30
C LEU A 148 -20.50 37.23 24.34
N VAL A 149 -20.73 36.55 23.23
CA VAL A 149 -21.73 35.50 23.20
C VAL A 149 -20.99 34.18 23.35
N LYS A 150 -21.05 33.62 24.56
CA LYS A 150 -20.15 32.54 24.95
C LYS A 150 -20.85 31.18 25.08
N ASP A 151 -20.17 30.14 24.59
CA ASP A 151 -20.50 28.74 24.89
C ASP A 151 -21.89 28.29 24.48
N TYR A 152 -22.18 28.36 23.19
CA TYR A 152 -23.47 27.92 22.69
C TYR A 152 -23.32 26.86 21.61
N PHE A 153 -24.41 26.17 21.32
CA PHE A 153 -24.40 25.13 20.29
C PHE A 153 -25.84 24.78 19.91
N PRO A 154 -26.10 24.59 18.61
CA PRO A 154 -25.13 24.79 17.52
C PRO A 154 -25.31 26.17 16.92
N GLU A 155 -24.65 26.42 15.79
CA GLU A 155 -24.91 27.62 15.01
C GLU A 155 -26.37 27.59 14.53
N PRO A 156 -26.96 28.77 14.25
CA PRO A 156 -26.34 30.10 14.36
C PRO A 156 -26.90 30.96 15.48
N VAL A 157 -26.16 32.02 15.83
CA VAL A 157 -26.71 33.11 16.60
C VAL A 157 -26.66 34.39 15.76
N THR A 158 -27.71 35.19 15.85
CA THR A 158 -27.74 36.47 15.19
C THR A 158 -27.68 37.54 16.26
N VAL A 159 -27.13 38.70 15.91
CA VAL A 159 -26.96 39.77 16.87
C VAL A 159 -27.42 41.07 16.25
N SER A 160 -28.19 41.85 17.00
CA SER A 160 -28.48 43.21 16.62
C SER A 160 -28.22 44.13 17.81
N TRP A 161 -28.30 45.43 17.58
CA TRP A 161 -28.11 46.40 18.65
C TRP A 161 -29.30 47.35 18.71
N ASN A 162 -29.70 47.70 19.93
CA ASN A 162 -30.84 48.58 20.16
C ASN A 162 -32.05 48.18 19.31
N SER A 163 -32.33 46.88 19.30
CA SER A 163 -33.42 46.33 18.48
C SER A 163 -33.27 46.69 17.01
N GLY A 164 -32.03 46.87 16.57
CA GLY A 164 -31.78 47.15 15.15
C GLY A 164 -31.78 48.62 14.81
N ALA A 165 -32.01 49.47 15.81
CA ALA A 165 -31.96 50.92 15.58
C ALA A 165 -30.53 51.40 15.37
N LEU A 166 -29.57 50.62 15.86
CA LEU A 166 -28.16 50.95 15.72
C LEU A 166 -27.48 49.96 14.79
N THR A 167 -27.12 50.42 13.59
CA THR A 167 -26.49 49.55 12.60
C THR A 167 -25.12 50.10 12.18
N SER A 168 -24.97 51.42 12.32
CA SER A 168 -23.73 52.08 11.92
C SER A 168 -22.61 51.73 12.90
N GLY A 169 -21.51 51.20 12.37
CA GLY A 169 -20.35 50.90 13.19
C GLY A 169 -20.42 49.57 13.92
N VAL A 170 -21.36 48.72 13.51
CA VAL A 170 -21.49 47.39 14.08
C VAL A 170 -20.67 46.38 13.30
N HIS A 171 -19.91 45.56 14.02
CA HIS A 171 -19.15 44.47 13.42
C HIS A 171 -19.31 43.22 14.27
N THR A 172 -20.06 42.25 13.76
CA THR A 172 -20.23 40.99 14.44
C THR A 172 -19.26 39.99 13.82
N PHE A 173 -18.43 39.38 14.66
CA PHE A 173 -17.38 38.49 14.15
C PHE A 173 -17.84 37.06 14.02
N PRO A 174 -17.33 36.34 13.00
CA PRO A 174 -17.60 34.90 12.86
C PRO A 174 -17.14 34.15 14.10
N ALA A 175 -17.92 33.16 14.53
CA ALA A 175 -17.63 32.46 15.77
C ALA A 175 -16.40 31.56 15.71
N VAL A 176 -15.81 31.33 16.87
CA VAL A 176 -14.79 30.30 17.04
C VAL A 176 -15.48 29.02 17.53
N LEU A 177 -15.10 27.91 16.93
CA LEU A 177 -15.46 26.60 17.44
C LEU A 177 -14.38 26.19 18.43
N GLN A 178 -14.73 26.19 19.71
CA GLN A 178 -13.76 25.90 20.75
C GLN A 178 -13.52 24.40 20.83
N SER A 179 -12.44 24.02 21.50
CA SER A 179 -12.08 22.61 21.63
C SER A 179 -13.17 21.83 22.37
N SER A 180 -13.94 22.56 23.18
CA SER A 180 -15.01 21.95 23.95
C SER A 180 -16.20 21.53 23.08
N GLY A 181 -16.16 21.88 21.80
CA GLY A 181 -17.26 21.61 20.90
C GLY A 181 -18.31 22.72 20.93
N LEU A 182 -18.08 23.74 21.76
CA LEU A 182 -18.99 24.87 21.88
C LEU A 182 -18.50 26.10 21.10
N TYR A 183 -19.44 26.94 20.67
CA TYR A 183 -19.11 28.17 19.94
C TYR A 183 -19.12 29.41 20.82
N SER A 184 -18.33 30.41 20.42
CA SER A 184 -18.37 31.74 21.01
C SER A 184 -18.16 32.79 19.94
N LEU A 185 -18.93 33.88 20.00
CA LEU A 185 -18.60 35.03 19.16
C LEU A 185 -18.74 36.36 19.88
N SER A 186 -18.24 37.41 19.25
CA SER A 186 -18.35 38.77 19.77
C SER A 186 -18.92 39.68 18.70
N SER A 187 -19.75 40.62 19.15
CA SER A 187 -20.25 41.68 18.30
C SER A 187 -19.81 42.99 18.95
N VAL A 188 -19.17 43.85 18.19
CA VAL A 188 -18.75 45.14 18.71
C VAL A 188 -19.33 46.27 17.89
N VAL A 189 -19.51 47.41 18.55
CA VAL A 189 -20.01 48.59 17.87
C VAL A 189 -19.15 49.80 18.23
N THR A 190 -18.82 50.60 17.22
CA THR A 190 -18.10 51.86 17.42
C THR A 190 -19.09 53.00 17.64
N VAL A 191 -18.96 53.69 18.78
CA VAL A 191 -19.87 54.77 19.12
C VAL A 191 -19.12 56.01 19.59
N PRO A 192 -19.79 57.18 19.57
CA PRO A 192 -19.22 58.39 20.17
C PRO A 192 -18.95 58.20 21.66
N SER A 193 -17.74 58.54 22.08
CA SER A 193 -17.36 58.43 23.48
C SER A 193 -18.15 59.42 24.33
N SER A 194 -18.49 60.56 23.74
CA SER A 194 -19.23 61.60 24.44
C SER A 194 -20.67 61.18 24.75
N SER A 195 -21.14 60.14 24.07
CA SER A 195 -22.53 59.67 24.21
C SER A 195 -22.64 58.46 25.13
N LEU A 196 -21.62 58.23 25.94
CA LEU A 196 -21.54 57.00 26.72
C LEU A 196 -22.35 57.00 28.01
N GLY A 197 -22.51 58.17 28.63
CA GLY A 197 -23.26 58.28 29.86
C GLY A 197 -24.75 58.51 29.61
N THR A 198 -25.10 58.80 28.36
CA THR A 198 -26.47 59.11 27.99
C THR A 198 -27.19 57.92 27.39
N GLN A 199 -26.76 57.54 26.19
CA GLN A 199 -27.36 56.45 25.45
C GLN A 199 -27.20 55.13 26.20
N THR A 200 -28.24 54.32 26.21
CA THR A 200 -28.09 52.96 26.71
C THR A 200 -27.86 52.04 25.51
N TYR A 201 -26.93 51.12 25.65
CA TYR A 201 -26.61 50.19 24.56
C TYR A 201 -27.02 48.77 24.92
N ILE A 202 -27.78 48.16 24.02
CA ILE A 202 -28.31 46.82 24.24
C ILE A 202 -28.11 45.95 23.01
N CYS A 203 -27.37 44.86 23.19
CA CYS A 203 -27.22 43.91 22.11
C CYS A 203 -28.29 42.84 22.21
N ASN A 204 -28.92 42.55 21.08
CA ASN A 204 -30.00 41.57 21.04
C ASN A 204 -29.52 40.28 20.42
N VAL A 205 -29.31 39.29 21.27
CA VAL A 205 -28.74 38.02 20.84
C VAL A 205 -29.86 37.01 20.62
N ASN A 206 -29.90 36.43 19.43
CA ASN A 206 -30.93 35.45 19.11
C ASN A 206 -30.33 34.08 18.78
N HIS A 207 -30.68 33.09 19.59
CA HIS A 207 -30.25 31.73 19.37
C HIS A 207 -31.46 30.83 19.17
N LYS A 208 -31.98 30.84 17.94
CA LYS A 208 -33.16 30.06 17.58
C LYS A 208 -33.12 28.57 17.99
N PRO A 209 -32.01 27.87 17.72
CA PRO A 209 -31.97 26.43 18.05
C PRO A 209 -32.30 26.09 19.50
N SER A 210 -31.89 26.92 20.46
CA SER A 210 -32.21 26.65 21.87
C SER A 210 -33.43 27.46 22.32
N ASN A 211 -34.11 28.08 21.35
CA ASN A 211 -35.23 28.96 21.64
C ASN A 211 -34.94 30.01 22.72
N THR A 212 -33.78 30.64 22.61
CA THR A 212 -33.33 31.64 23.55
C THR A 212 -33.10 32.99 22.86
N LYS A 213 -33.53 34.06 23.53
CA LYS A 213 -33.23 35.41 23.10
C LYS A 213 -32.73 36.17 24.32
N VAL A 214 -31.65 36.92 24.14
CA VAL A 214 -31.10 37.71 25.23
C VAL A 214 -30.84 39.14 24.77
N ASP A 215 -31.33 40.10 25.55
CA ASP A 215 -30.97 41.50 25.41
C ASP A 215 -30.04 41.90 26.54
N LYS A 216 -28.77 42.15 26.23
CA LYS A 216 -27.83 42.55 27.25
C LYS A 216 -27.56 44.04 27.23
N ARG A 217 -27.81 44.70 28.35
CA ARG A 217 -27.45 46.11 28.49
C ARG A 217 -25.95 46.21 28.72
N VAL A 218 -25.28 47.01 27.90
CA VAL A 218 -23.85 47.20 28.04
C VAL A 218 -23.55 48.51 28.76
N GLU A 219 -22.98 48.41 29.97
CA GLU A 219 -22.69 49.61 30.76
C GLU A 219 -21.19 49.80 30.94
N PRO A 220 -20.75 51.05 31.13
CA PRO A 220 -19.31 51.34 31.28
C PRO A 220 -18.74 50.84 32.61
N SER B 1 -0.26 10.43 12.15
CA SER B 1 1.04 10.05 12.70
C SER B 1 2.17 10.75 11.94
N TYR B 2 2.35 10.39 10.68
CA TYR B 2 3.31 11.07 9.81
C TYR B 2 2.79 12.44 9.34
N GLU B 3 3.67 13.45 9.33
CA GLU B 3 3.25 14.81 9.01
C GLU B 3 4.02 15.44 7.87
N LEU B 4 3.33 16.25 7.07
CA LEU B 4 4.01 17.13 6.11
C LEU B 4 3.79 18.58 6.52
N THR B 5 4.86 19.33 6.65
CA THR B 5 4.78 20.70 7.16
C THR B 5 4.91 21.75 6.05
N GLN B 6 3.94 22.66 5.96
CA GLN B 6 3.98 23.77 5.02
C GLN B 6 3.76 25.09 5.74
N PRO B 7 4.34 26.17 5.21
CA PRO B 7 3.97 27.51 5.72
C PRO B 7 2.48 27.76 5.47
N PRO B 8 1.74 28.21 6.49
CA PRO B 8 0.32 28.57 6.36
C PRO B 8 0.02 29.56 5.24
N SER B 9 0.87 30.55 5.03
CA SER B 9 0.59 31.52 3.98
C SER B 9 1.82 32.07 3.28
N VAL B 10 1.59 32.57 2.08
CA VAL B 10 2.61 33.20 1.26
C VAL B 10 1.92 34.29 0.47
N SER B 11 2.55 35.46 0.38
CA SER B 11 2.03 36.54 -0.45
C SER B 11 2.98 36.72 -1.61
N VAL B 12 2.44 37.12 -2.77
CA VAL B 12 3.27 37.40 -3.92
C VAL B 12 2.63 38.50 -4.79
N SER B 13 3.45 39.41 -5.29
CA SER B 13 2.96 40.39 -6.26
C SER B 13 2.79 39.68 -7.59
N PRO B 14 1.79 40.09 -8.37
CA PRO B 14 1.62 39.58 -9.73
C PRO B 14 2.94 39.66 -10.49
N GLY B 15 3.24 38.64 -11.27
CA GLY B 15 4.47 38.63 -12.07
C GLY B 15 5.71 38.25 -11.28
N GLN B 16 5.58 38.10 -9.97
CA GLN B 16 6.73 37.72 -9.16
C GLN B 16 6.81 36.21 -8.92
N THR B 17 7.88 35.77 -8.26
CA THR B 17 8.08 34.35 -8.04
C THR B 17 7.69 33.92 -6.63
N ALA B 18 6.75 32.98 -6.55
CA ALA B 18 6.34 32.45 -5.24
C ALA B 18 6.94 31.06 -5.01
N ARG B 19 7.39 30.81 -3.80
CA ARG B 19 7.96 29.53 -3.41
C ARG B 19 7.22 29.00 -2.20
N ILE B 20 6.73 27.77 -2.31
CA ILE B 20 6.02 27.12 -1.21
C ILE B 20 6.77 25.84 -0.85
N THR B 21 7.22 25.76 0.38
CA THR B 21 7.99 24.60 0.79
C THR B 21 7.13 23.56 1.51
N CYS B 22 7.62 22.33 1.51
CA CYS B 22 6.97 21.22 2.17
C CYS B 22 8.05 20.35 2.80
N SER B 23 7.94 20.15 4.11
CA SER B 23 8.96 19.43 4.85
C SER B 23 8.39 18.12 5.39
N GLY B 24 9.09 17.01 5.17
CA GLY B 24 8.68 15.72 5.72
C GLY B 24 9.79 14.68 5.82
N ASP B 25 9.77 13.86 6.86
CA ASP B 25 10.85 12.90 7.12
C ASP B 25 11.01 11.80 6.06
N ALA B 26 9.94 11.46 5.35
CA ALA B 26 10.02 10.35 4.39
C ALA B 26 10.38 10.79 2.99
N LEU B 27 10.36 12.10 2.75
CA LEU B 27 10.67 12.62 1.41
C LEU B 27 12.01 12.22 0.79
N PRO B 28 13.04 11.91 1.62
CA PRO B 28 14.25 11.38 0.95
C PRO B 28 14.01 10.07 0.20
N LYS B 29 12.96 9.32 0.54
CA LYS B 29 12.73 8.04 -0.14
C LYS B 29 11.42 8.02 -0.90
N LYS B 30 10.74 9.14 -0.92
CA LYS B 30 9.43 9.20 -1.55
C LYS B 30 9.27 10.41 -2.48
N TYR B 31 8.42 10.26 -3.48
CA TYR B 31 8.08 11.38 -4.35
C TYR B 31 7.18 12.40 -3.63
N ALA B 32 7.25 13.65 -4.07
CA ALA B 32 6.35 14.69 -3.61
C ALA B 32 5.37 15.07 -4.74
N TYR B 33 4.18 15.50 -4.35
CA TYR B 33 3.13 15.89 -5.29
C TYR B 33 2.48 17.22 -4.84
N TRP B 34 2.03 18.04 -5.79
CA TRP B 34 1.40 19.30 -5.43
C TRP B 34 0.01 19.46 -6.03
N TYR B 35 -0.90 19.98 -5.22
CA TYR B 35 -2.28 20.21 -5.63
C TYR B 35 -2.63 21.68 -5.41
N GLN B 36 -3.36 22.23 -6.38
CA GLN B 36 -3.89 23.57 -6.30
C GLN B 36 -5.39 23.49 -6.04
N GLN B 37 -5.88 24.27 -5.07
CA GLN B 37 -7.32 24.32 -4.82
C GLN B 37 -7.77 25.77 -4.76
N LYS B 38 -8.44 26.21 -5.82
CA LYS B 38 -8.98 27.55 -5.80
C LYS B 38 -10.26 27.58 -4.98
N SER B 39 -10.68 28.79 -4.63
CA SER B 39 -11.83 28.99 -3.77
C SER B 39 -13.07 28.29 -4.32
N GLY B 40 -13.64 27.39 -3.52
CA GLY B 40 -14.89 26.74 -3.89
C GLY B 40 -14.76 25.67 -4.96
N GLN B 41 -13.55 25.24 -5.24
CA GLN B 41 -13.35 24.21 -6.25
C GLN B 41 -12.68 22.96 -5.68
N ALA B 42 -12.76 21.86 -6.43
CA ALA B 42 -12.00 20.64 -6.13
C ALA B 42 -10.53 20.83 -6.47
N PRO B 43 -9.64 20.11 -5.79
CA PRO B 43 -8.20 20.19 -6.05
C PRO B 43 -7.82 19.73 -7.46
N VAL B 44 -6.67 20.21 -7.94
CA VAL B 44 -6.12 19.84 -9.25
C VAL B 44 -4.62 19.59 -9.10
N LEU B 45 -4.14 18.48 -9.65
CA LEU B 45 -2.73 18.11 -9.63
C LEU B 45 -1.95 19.06 -10.55
N VAL B 46 -0.92 19.70 -10.01
CA VAL B 46 -0.09 20.60 -10.80
C VAL B 46 1.38 20.14 -10.94
N ILE B 47 1.85 19.37 -9.98
CA ILE B 47 3.20 18.77 -10.06
C ILE B 47 3.15 17.36 -9.52
N TYR B 48 3.75 16.42 -10.24
CA TYR B 48 3.93 15.06 -9.74
C TYR B 48 5.40 14.61 -9.79
N GLU B 49 5.74 13.64 -8.96
CA GLU B 49 7.11 13.09 -8.90
C GLU B 49 8.13 14.21 -8.75
N ASP B 50 7.91 15.06 -7.75
CA ASP B 50 8.78 16.20 -7.41
C ASP B 50 8.77 17.37 -8.40
N SER B 51 8.77 17.09 -9.70
CA SER B 51 9.10 18.12 -10.67
C SER B 51 8.43 18.03 -12.03
N LYS B 52 7.46 17.13 -12.17
CA LYS B 52 6.85 16.91 -13.48
C LYS B 52 5.49 17.58 -13.59
N ARG B 53 5.20 18.16 -14.75
CA ARG B 53 3.90 18.78 -14.99
CA ARG B 53 3.91 18.78 -15.00
C ARG B 53 2.98 17.84 -15.74
N PRO B 54 1.76 17.63 -15.21
CA PRO B 54 0.73 16.90 -15.94
C PRO B 54 0.40 17.71 -17.20
N SER B 55 -0.07 17.03 -18.24
CA SER B 55 -0.49 17.69 -19.46
C SER B 55 -1.53 18.76 -19.14
N GLY B 56 -1.39 19.93 -19.76
CA GLY B 56 -2.31 21.02 -19.51
C GLY B 56 -1.89 22.03 -18.45
N ILE B 57 -0.90 21.68 -17.63
CA ILE B 57 -0.44 22.58 -16.57
C ILE B 57 0.63 23.54 -17.11
N PRO B 58 0.47 24.84 -16.82
CA PRO B 58 1.37 25.89 -17.33
C PRO B 58 2.82 25.74 -16.85
N GLU B 59 3.78 26.15 -17.68
CA GLU B 59 5.19 25.95 -17.34
C GLU B 59 5.72 26.90 -16.26
N ARG B 60 4.94 27.89 -15.87
CA ARG B 60 5.33 28.75 -14.75
C ARG B 60 5.35 27.94 -13.45
N PHE B 61 4.71 26.77 -13.47
CA PHE B 61 4.70 25.86 -12.33
C PHE B 61 5.89 24.90 -12.42
N SER B 62 6.69 24.83 -11.37
CA SER B 62 7.80 23.88 -11.35
C SER B 62 8.00 23.36 -9.94
N GLY B 63 8.72 22.25 -9.80
CA GLY B 63 8.95 21.66 -8.50
C GLY B 63 10.36 21.11 -8.35
N SER B 64 10.79 20.93 -7.12
CA SER B 64 12.07 20.31 -6.85
C SER B 64 12.02 19.72 -5.46
N SER B 65 12.89 18.78 -5.21
CA SER B 65 12.91 18.12 -3.92
C SER B 65 14.30 17.59 -3.65
N SER B 66 14.70 17.69 -2.40
CA SER B 66 16.01 17.23 -2.00
C SER B 66 15.96 16.95 -0.50
N GLY B 67 16.43 15.77 -0.09
CA GLY B 67 16.39 15.39 1.30
C GLY B 67 14.96 15.47 1.81
N THR B 68 14.77 16.15 2.94
CA THR B 68 13.45 16.21 3.58
C THR B 68 12.57 17.38 3.12
N MET B 69 12.90 17.99 2.00
CA MET B 69 12.10 19.13 1.56
C MET B 69 11.78 19.13 0.08
N ALA B 70 10.55 19.56 -0.22
CA ALA B 70 10.10 19.72 -1.60
C ALA B 70 9.62 21.13 -1.77
N THR B 71 9.91 21.73 -2.91
CA THR B 71 9.54 23.12 -3.15
C THR B 71 8.75 23.31 -4.43
N LEU B 72 7.58 23.94 -4.29
CA LEU B 72 6.76 24.34 -5.42
C LEU B 72 7.10 25.78 -5.77
N THR B 73 7.45 26.01 -7.02
CA THR B 73 7.81 27.34 -7.47
C THR B 73 6.88 27.80 -8.59
N ILE B 74 6.30 28.98 -8.42
CA ILE B 74 5.45 29.59 -9.43
C ILE B 74 6.14 30.85 -9.94
N SER B 75 6.67 30.77 -11.16
CA SER B 75 7.48 31.84 -11.72
C SER B 75 6.66 32.83 -12.54
N GLY B 76 6.32 33.97 -11.95
CA GLY B 76 5.53 34.96 -12.65
C GLY B 76 4.07 34.78 -12.29
N ALA B 77 3.76 34.95 -11.01
CA ALA B 77 2.44 34.66 -10.48
C ALA B 77 1.32 35.44 -11.16
N GLN B 78 0.26 34.74 -11.54
CA GLN B 78 -0.94 35.39 -12.06
C GLN B 78 -2.02 35.42 -10.98
N VAL B 79 -2.98 36.34 -11.09
CA VAL B 79 -4.00 36.47 -10.07
C VAL B 79 -4.81 35.18 -9.97
N GLU B 80 -4.95 34.49 -11.11
CA GLU B 80 -5.69 33.23 -11.14
C GLU B 80 -4.93 32.12 -10.43
N ASP B 81 -3.69 32.39 -10.03
CA ASP B 81 -2.90 31.41 -9.28
C ASP B 81 -3.22 31.51 -7.78
N GLU B 82 -3.99 32.51 -7.40
CA GLU B 82 -4.39 32.61 -6.00
C GLU B 82 -5.24 31.43 -5.59
N ALA B 83 -4.78 30.72 -4.55
CA ALA B 83 -5.39 29.47 -4.13
C ALA B 83 -4.64 28.90 -2.94
N ASP B 84 -5.12 27.76 -2.44
CA ASP B 84 -4.42 26.98 -1.43
C ASP B 84 -3.68 25.84 -2.13
N TYR B 85 -2.46 25.57 -1.68
CA TYR B 85 -1.61 24.56 -2.31
C TYR B 85 -1.25 23.53 -1.26
N TYR B 86 -1.47 22.26 -1.61
CA TYR B 86 -1.19 21.15 -0.71
C TYR B 86 -0.10 20.29 -1.30
N CYS B 87 0.93 20.00 -0.52
CA CYS B 87 1.87 18.96 -0.90
C CYS B 87 1.35 17.60 -0.45
N TYR B 88 1.74 16.57 -1.17
CA TYR B 88 1.24 15.24 -0.89
C TYR B 88 2.37 14.21 -1.00
N SER B 89 2.36 13.25 -0.10
CA SER B 89 3.29 12.13 -0.17
C SER B 89 2.74 10.99 0.67
N THR B 90 3.41 9.85 0.66
CA THR B 90 2.99 8.75 1.53
C THR B 90 3.92 8.70 2.73
N ASP B 91 3.49 8.03 3.79
CA ASP B 91 4.41 7.70 4.88
C ASP B 91 5.48 6.71 4.40
N SER B 92 6.46 6.45 5.26
CA SER B 92 7.57 5.53 4.96
C SER B 92 7.10 4.15 4.52
N SER B 93 6.21 3.54 5.29
CA SER B 93 5.64 2.23 4.95
C SER B 93 4.89 2.25 3.60
N GLY B 94 4.43 3.42 3.20
CA GLY B 94 3.66 3.55 1.97
C GLY B 94 2.22 3.13 2.19
N ASN B 95 1.81 2.97 3.44
CA ASN B 95 0.41 2.62 3.74
C ASN B 95 -0.52 3.82 3.88
N HIS B 96 0.03 5.00 4.15
CA HIS B 96 -0.83 6.17 4.35
C HIS B 96 -0.58 7.29 3.34
N ARG B 97 -1.66 7.88 2.85
CA ARG B 97 -1.59 9.05 2.00
C ARG B 97 -1.76 10.29 2.87
N VAL B 98 -0.76 11.16 2.85
CA VAL B 98 -0.78 12.34 3.69
C VAL B 98 -0.59 13.64 2.91
N PHE B 99 -1.41 14.62 3.23
CA PHE B 99 -1.27 15.96 2.69
C PHE B 99 -0.62 16.84 3.74
N GLY B 100 0.08 17.86 3.30
CA GLY B 100 0.53 18.91 4.21
C GLY B 100 -0.68 19.72 4.62
N GLY B 101 -0.50 20.60 5.61
CA GLY B 101 -1.60 21.40 6.14
C GLY B 101 -2.08 22.43 5.13
N GLY B 102 -1.37 22.57 4.02
CA GLY B 102 -1.75 23.54 3.00
C GLY B 102 -1.20 24.95 3.20
N THR B 103 -0.92 25.60 2.07
CA THR B 103 -0.41 26.96 2.09
C THR B 103 -1.38 27.88 1.35
N LYS B 104 -1.85 28.92 2.02
CA LYS B 104 -2.69 29.93 1.37
C LYS B 104 -1.81 30.92 0.61
N LEU B 105 -1.93 30.91 -0.71
CA LEU B 105 -1.18 31.84 -1.54
C LEU B 105 -2.06 33.02 -1.93
N THR B 106 -1.71 34.20 -1.44
CA THR B 106 -2.34 35.41 -1.92
C THR B 106 -1.52 36.03 -3.05
N VAL B 107 -2.15 36.29 -4.18
CA VAL B 107 -1.54 37.14 -5.19
C VAL B 107 -2.15 38.53 -4.99
N LEU B 108 -1.34 39.47 -4.52
CA LEU B 108 -1.83 40.78 -4.08
C LEU B 108 -2.70 41.45 -5.12
N GLY B 109 -3.95 41.78 -4.74
CA GLY B 109 -4.93 42.28 -5.69
C GLY B 109 -5.75 43.47 -5.22
N GLN B 110 -5.31 44.09 -4.13
CA GLN B 110 -5.95 45.28 -3.60
C GLN B 110 -4.94 45.91 -2.64
N PRO B 111 -5.21 47.14 -2.16
CA PRO B 111 -4.23 47.75 -1.26
C PRO B 111 -3.96 46.90 -0.02
N LYS B 112 -2.69 46.74 0.35
CA LYS B 112 -2.31 46.15 1.62
C LYS B 112 -2.89 47.00 2.74
N ALA B 113 -3.10 46.39 3.89
CA ALA B 113 -3.75 47.06 5.00
C ALA B 113 -3.47 46.34 6.30
N ALA B 114 -2.82 47.03 7.21
CA ALA B 114 -2.50 46.51 8.53
C ALA B 114 -3.80 46.29 9.28
N PRO B 115 -3.86 45.24 10.11
CA PRO B 115 -5.04 44.93 10.93
C PRO B 115 -5.27 45.92 12.07
N SER B 116 -6.51 46.26 12.35
CA SER B 116 -6.84 46.95 13.59
C SER B 116 -7.09 45.90 14.65
N VAL B 117 -6.61 46.16 15.86
CA VAL B 117 -6.66 45.18 16.93
C VAL B 117 -7.32 45.74 18.18
N THR B 118 -8.44 45.15 18.58
CA THR B 118 -9.09 45.57 19.80
C THR B 118 -9.09 44.43 20.80
N LEU B 119 -8.53 44.69 21.98
CA LEU B 119 -8.46 43.68 23.02
C LEU B 119 -9.36 44.04 24.20
N PHE B 120 -10.27 43.13 24.55
CA PHE B 120 -11.09 43.31 25.74
C PHE B 120 -10.66 42.39 26.85
N PRO B 121 -10.63 42.91 28.07
CA PRO B 121 -10.42 42.12 29.28
C PRO B 121 -11.69 41.34 29.60
N PRO B 122 -11.60 40.36 30.52
CA PRO B 122 -12.81 39.68 31.01
C PRO B 122 -13.75 40.68 31.70
N SER B 123 -15.06 40.50 31.53
CA SER B 123 -16.04 41.36 32.18
C SER B 123 -16.20 40.98 33.64
N SER B 124 -16.69 41.94 34.44
CA SER B 124 -16.96 41.70 35.85
C SER B 124 -17.91 40.54 35.99
N GLU B 125 -18.93 40.52 35.13
CA GLU B 125 -19.95 39.48 35.20
C GLU B 125 -19.35 38.09 35.06
N GLU B 126 -18.50 37.90 34.05
CA GLU B 126 -17.88 36.60 33.81
C GLU B 126 -16.96 36.21 34.96
N LEU B 127 -16.10 37.13 35.38
CA LEU B 127 -15.25 36.90 36.54
C LEU B 127 -16.10 36.53 37.73
N GLN B 128 -17.11 37.35 38.01
CA GLN B 128 -18.08 37.08 39.07
C GLN B 128 -18.78 35.73 38.88
N ALA B 129 -18.60 35.12 37.72
CA ALA B 129 -19.15 33.79 37.44
C ALA B 129 -18.06 32.73 37.38
N ASN B 130 -16.86 33.08 37.85
CA ASN B 130 -15.73 32.15 37.99
C ASN B 130 -15.09 31.71 36.66
N LYS B 131 -15.23 32.56 35.64
CA LYS B 131 -14.57 32.33 34.34
C LYS B 131 -13.94 33.64 33.85
N ALA B 132 -13.06 33.53 32.86
CA ALA B 132 -12.30 34.67 32.37
C ALA B 132 -11.88 34.51 30.92
N THR B 133 -12.34 35.41 30.06
CA THR B 133 -12.00 35.33 28.65
C THR B 133 -11.44 36.65 28.12
N LEU B 134 -10.28 36.55 27.48
CA LEU B 134 -9.71 37.68 26.78
C LEU B 134 -10.12 37.58 25.31
N VAL B 135 -10.55 38.70 24.76
CA VAL B 135 -11.06 38.73 23.40
C VAL B 135 -10.20 39.68 22.59
N CYS B 136 -9.58 39.14 21.53
CA CYS B 136 -8.74 39.94 20.66
C CYS B 136 -9.41 40.03 19.31
N LEU B 137 -9.90 41.23 18.97
CA LEU B 137 -10.64 41.43 17.74
C LEU B 137 -9.81 42.10 16.66
N ILE B 138 -9.70 41.42 15.52
CA ILE B 138 -8.76 41.76 14.48
C ILE B 138 -9.47 41.98 13.15
N SER B 139 -9.40 43.19 12.61
CA SER B 139 -10.19 43.53 11.42
C SER B 139 -9.46 44.36 10.36
N ASP B 140 -10.12 44.51 9.22
CA ASP B 140 -9.64 45.35 8.12
C ASP B 140 -8.22 45.07 7.67
N PHE B 141 -7.85 43.80 7.57
CA PHE B 141 -6.53 43.47 7.07
C PHE B 141 -6.54 42.81 5.70
N TYR B 142 -5.48 43.06 4.95
CA TYR B 142 -5.25 42.41 3.67
C TYR B 142 -3.73 42.41 3.47
N PRO B 143 -3.16 41.26 3.04
CA PRO B 143 -3.79 39.96 2.75
C PRO B 143 -4.47 39.32 3.96
N GLY B 144 -5.33 38.34 3.69
CA GLY B 144 -6.04 37.64 4.75
C GLY B 144 -5.27 36.54 5.45
N ALA B 145 -4.13 36.87 6.02
CA ALA B 145 -3.41 35.90 6.85
C ALA B 145 -2.73 36.60 8.01
N VAL B 146 -2.82 35.98 9.18
CA VAL B 146 -2.40 36.59 10.41
C VAL B 146 -1.96 35.45 11.33
N THR B 147 -0.96 35.68 12.18
CA THR B 147 -0.71 34.76 13.29
C THR B 147 -0.82 35.51 14.62
N VAL B 148 -1.45 34.85 15.59
CA VAL B 148 -1.71 35.47 16.88
C VAL B 148 -0.96 34.79 18.02
N ALA B 149 -0.08 35.53 18.67
CA ALA B 149 0.58 35.02 19.87
C ALA B 149 0.06 35.77 21.09
N TRP B 150 0.08 35.12 22.24
CA TRP B 150 -0.37 35.73 23.48
C TRP B 150 0.76 35.76 24.51
N LYS B 151 0.74 36.77 25.35
CA LYS B 151 1.74 36.93 26.40
C LYS B 151 1.09 37.13 27.76
N ALA B 152 1.63 36.48 28.78
CA ALA B 152 1.28 36.77 30.15
C ALA B 152 2.48 37.49 30.74
N ASP B 153 2.27 38.74 31.13
CA ASP B 153 3.38 39.67 31.41
C ASP B 153 4.33 39.70 30.22
N SER B 154 5.38 38.91 30.27
CA SER B 154 6.35 38.89 29.18
C SER B 154 6.52 37.47 28.60
N SER B 155 5.79 36.51 29.17
CA SER B 155 5.93 35.10 28.81
C SER B 155 4.84 34.63 27.84
N PRO B 156 5.21 33.73 26.92
CA PRO B 156 4.27 33.15 25.96
C PRO B 156 3.15 32.36 26.62
N VAL B 157 1.93 32.58 26.16
CA VAL B 157 0.80 31.76 26.56
C VAL B 157 0.36 30.92 25.39
N LYS B 158 0.29 29.60 25.56
CA LYS B 158 -0.12 28.75 24.45
C LYS B 158 -1.38 27.94 24.73
N ALA B 159 -1.54 27.48 25.97
CA ALA B 159 -2.73 26.72 26.33
C ALA B 159 -3.93 27.65 26.44
N GLY B 160 -5.10 27.17 26.00
CA GLY B 160 -6.34 27.93 26.12
C GLY B 160 -6.52 29.03 25.09
N VAL B 161 -5.71 29.00 24.04
CA VAL B 161 -5.80 29.98 22.96
C VAL B 161 -6.62 29.41 21.82
N GLU B 162 -7.69 30.11 21.45
CA GLU B 162 -8.54 29.69 20.34
C GLU B 162 -8.66 30.83 19.33
N THR B 163 -8.36 30.52 18.08
CA THR B 163 -8.27 31.55 17.05
C THR B 163 -8.95 31.11 15.77
N THR B 164 -9.83 31.96 15.24
CA THR B 164 -10.61 31.62 14.06
C THR B 164 -9.80 31.73 12.79
N THR B 165 -10.36 31.22 11.69
CA THR B 165 -9.81 31.52 10.38
C THR B 165 -10.34 32.87 9.92
N PRO B 166 -9.52 33.62 9.16
CA PRO B 166 -9.94 34.96 8.72
C PRO B 166 -11.11 34.86 7.77
N SER B 167 -12.02 35.82 7.86
CA SER B 167 -13.19 35.83 6.99
C SER B 167 -13.22 37.11 6.18
N LYS B 168 -13.73 37.03 4.96
CA LYS B 168 -13.84 38.19 4.10
C LYS B 168 -14.95 39.11 4.63
N GLN B 169 -14.60 40.35 4.91
CA GLN B 169 -15.55 41.35 5.37
C GLN B 169 -16.37 41.88 4.22
N SER B 170 -17.37 42.69 4.53
CA SER B 170 -18.21 43.34 3.53
C SER B 170 -17.39 44.19 2.54
N ASN B 171 -16.25 44.70 3.00
CA ASN B 171 -15.40 45.54 2.17
C ASN B 171 -14.21 44.81 1.52
N ASN B 172 -14.31 43.49 1.42
CA ASN B 172 -13.27 42.66 0.82
C ASN B 172 -11.93 42.60 1.60
N LYS B 173 -11.91 43.20 2.78
CA LYS B 173 -10.80 43.00 3.71
C LYS B 173 -11.17 41.84 4.63
N TYR B 174 -10.25 41.47 5.53
CA TYR B 174 -10.46 40.30 6.37
C TYR B 174 -10.57 40.59 7.86
N ALA B 175 -11.30 39.72 8.55
CA ALA B 175 -11.44 39.83 9.98
C ALA B 175 -11.15 38.47 10.60
N ALA B 176 -10.73 38.48 11.87
CA ALA B 176 -10.49 37.27 12.62
C ALA B 176 -10.62 37.64 14.09
N SER B 177 -10.60 36.63 14.96
CA SER B 177 -10.62 36.88 16.39
C SER B 177 -9.88 35.77 17.13
N SER B 178 -9.29 36.13 18.27
CA SER B 178 -8.61 35.14 19.09
C SER B 178 -9.12 35.26 20.52
N TYR B 179 -9.35 34.13 21.16
CA TYR B 179 -9.81 34.09 22.53
C TYR B 179 -8.81 33.37 23.40
N LEU B 180 -8.57 33.93 24.58
CA LEU B 180 -7.74 33.29 25.58
C LEU B 180 -8.59 33.02 26.81
N SER B 181 -8.70 31.75 27.18
CA SER B 181 -9.44 31.37 28.37
C SER B 181 -8.53 31.25 29.58
N LEU B 182 -8.96 31.84 30.69
CA LEU B 182 -8.19 31.83 31.92
C LEU B 182 -9.10 31.51 33.09
N THR B 183 -8.50 31.09 34.20
CA THR B 183 -9.18 31.15 35.47
C THR B 183 -9.02 32.58 35.96
N PRO B 184 -10.01 33.07 36.71
CA PRO B 184 -9.94 34.39 37.35
C PRO B 184 -8.62 34.60 38.11
N GLU B 185 -8.11 33.53 38.71
CA GLU B 185 -6.85 33.59 39.46
C GLU B 185 -5.68 33.95 38.54
N GLN B 186 -5.62 33.29 37.39
CA GLN B 186 -4.55 33.54 36.41
C GLN B 186 -4.54 34.99 35.95
N TRP B 187 -5.74 35.51 35.68
CA TRP B 187 -5.90 36.87 35.21
C TRP B 187 -5.41 37.90 36.24
N LYS B 188 -5.87 37.79 37.47
CA LYS B 188 -5.54 38.78 38.50
C LYS B 188 -4.10 38.71 39.00
N SER B 189 -3.37 37.65 38.63
CA SER B 189 -2.03 37.45 39.17
C SER B 189 -0.90 37.92 38.24
N HIS B 190 -1.26 38.46 37.08
CA HIS B 190 -0.24 39.02 36.19
C HIS B 190 -0.37 40.54 36.03
N ARG B 191 0.77 41.20 35.87
CA ARG B 191 0.80 42.64 35.66
C ARG B 191 0.05 43.00 34.38
N SER B 192 0.08 42.09 33.40
CA SER B 192 -0.61 42.32 32.13
C SER B 192 -0.66 41.09 31.22
N TYR B 193 -1.60 41.14 30.28
CA TYR B 193 -1.67 40.16 29.20
C TYR B 193 -1.65 40.89 27.85
N SER B 194 -1.10 40.24 26.82
CA SER B 194 -0.94 40.88 25.52
C SER B 194 -1.37 39.99 24.37
N CYS B 195 -1.98 40.61 23.36
CA CYS B 195 -2.35 39.94 22.13
C CYS B 195 -1.44 40.46 21.01
N GLN B 196 -0.66 39.58 20.39
CA GLN B 196 0.30 39.98 19.35
C GLN B 196 -0.11 39.46 17.98
N VAL B 197 -0.42 40.37 17.07
CA VAL B 197 -0.94 39.98 15.78
C VAL B 197 0.13 40.24 14.70
N THR B 198 0.52 39.18 14.02
CA THR B 198 1.57 39.29 13.01
C THR B 198 0.95 39.21 11.62
N HIS B 199 1.25 40.21 10.82
CA HIS B 199 0.68 40.32 9.49
C HIS B 199 1.78 40.78 8.54
N GLU B 200 2.07 39.95 7.54
CA GLU B 200 3.10 40.26 6.54
C GLU B 200 4.43 40.70 7.14
N GLY B 201 4.89 40.00 8.16
CA GLY B 201 6.18 40.29 8.75
C GLY B 201 6.18 41.39 9.81
N SER B 202 5.08 42.13 9.92
CA SER B 202 4.97 43.18 10.93
C SER B 202 4.00 42.79 12.04
N THR B 203 4.24 43.31 13.24
CA THR B 203 3.48 42.86 14.40
C THR B 203 2.91 44.01 15.23
N VAL B 204 1.60 43.94 15.48
CA VAL B 204 0.96 44.89 16.38
C VAL B 204 0.48 44.20 17.65
N GLU B 205 0.85 44.76 18.79
CA GLU B 205 0.53 44.18 20.08
C GLU B 205 -0.32 45.13 20.91
N LYS B 206 -1.45 44.63 21.40
CA LYS B 206 -2.27 45.34 22.35
C LYS B 206 -2.22 44.61 23.67
N THR B 207 -2.17 45.36 24.77
CA THR B 207 -2.08 44.71 26.08
C THR B 207 -3.12 45.24 27.07
N VAL B 208 -3.51 44.41 28.02
CA VAL B 208 -4.43 44.81 29.07
C VAL B 208 -3.96 44.34 30.43
N ALA B 209 -4.43 45.02 31.47
CA ALA B 209 -4.03 44.75 32.84
C ALA B 209 -5.26 44.71 33.72
N PRO B 210 -5.23 43.89 34.77
CA PRO B 210 -6.33 43.91 35.72
C PRO B 210 -6.37 45.22 36.51
N THR B 211 -7.12 46.19 35.99
CA THR B 211 -7.37 47.46 36.69
C THR B 211 -8.75 48.01 36.34
N GLU C 1 14.28 -13.97 21.59
CA GLU C 1 14.65 -14.34 20.21
C GLU C 1 13.47 -14.19 19.24
N VAL C 2 13.73 -13.56 18.10
CA VAL C 2 12.68 -13.31 17.10
C VAL C 2 12.18 -14.59 16.45
N GLN C 3 10.87 -14.75 16.35
CA GLN C 3 10.30 -16.01 15.88
C GLN C 3 8.89 -15.91 15.30
N LEU C 4 8.69 -16.55 14.16
CA LEU C 4 7.38 -16.69 13.56
C LEU C 4 7.03 -18.16 13.37
N VAL C 5 5.94 -18.58 13.99
CA VAL C 5 5.57 -19.99 14.08
C VAL C 5 4.24 -20.24 13.37
N GLU C 6 4.31 -20.67 12.11
CA GLU C 6 3.11 -21.02 11.35
C GLU C 6 2.55 -22.36 11.79
N SER C 7 1.26 -22.56 11.54
CA SER C 7 0.60 -23.85 11.75
C SER C 7 -0.75 -23.88 11.03
N GLY C 8 -1.38 -25.05 11.02
CA GLY C 8 -2.69 -25.19 10.40
C GLY C 8 -2.61 -25.85 9.04
N GLY C 9 -1.39 -26.05 8.55
CA GLY C 9 -1.22 -26.69 7.26
C GLY C 9 -1.63 -28.15 7.29
N GLY C 10 -1.82 -28.74 6.12
CA GLY C 10 -2.23 -30.11 6.04
C GLY C 10 -2.73 -30.49 4.65
N LEU C 11 -3.28 -31.68 4.56
CA LEU C 11 -3.77 -32.26 3.31
C LEU C 11 -5.28 -32.17 3.25
N VAL C 12 -5.80 -31.56 2.18
CA VAL C 12 -7.24 -31.39 2.02
C VAL C 12 -7.66 -31.53 0.56
N GLN C 13 -8.95 -31.79 0.35
CA GLN C 13 -9.48 -31.96 -1.00
C GLN C 13 -9.86 -30.61 -1.57
N PRO C 14 -9.87 -30.50 -2.92
CA PRO C 14 -10.26 -29.25 -3.58
C PRO C 14 -11.68 -28.84 -3.21
N GLY C 15 -11.89 -27.54 -3.01
CA GLY C 15 -13.20 -27.04 -2.64
C GLY C 15 -13.33 -26.88 -1.14
N ARG C 16 -12.43 -27.50 -0.39
CA ARG C 16 -12.47 -27.40 1.05
C ARG C 16 -11.83 -26.13 1.61
N SER C 17 -11.91 -25.99 2.94
CA SER C 17 -11.40 -24.80 3.61
C SER C 17 -10.36 -25.13 4.66
N LEU C 18 -9.44 -24.21 4.83
CA LEU C 18 -8.36 -24.37 5.78
C LEU C 18 -7.98 -22.99 6.33
N ARG C 19 -7.63 -22.93 7.61
CA ARG C 19 -7.18 -21.69 8.21
C ARG C 19 -5.77 -21.84 8.77
N LEU C 20 -4.85 -21.03 8.24
CA LEU C 20 -3.47 -21.00 8.74
C LEU C 20 -3.33 -20.00 9.87
N SER C 21 -2.34 -20.25 10.73
CA SER C 21 -2.02 -19.34 11.81
C SER C 21 -0.55 -19.03 11.83
N CYS C 22 -0.21 -17.86 12.35
CA CYS C 22 1.18 -17.49 12.56
C CYS C 22 1.24 -16.74 13.88
N ALA C 23 1.93 -17.32 14.85
CA ALA C 23 2.13 -16.71 16.14
C ALA C 23 3.54 -16.13 16.20
N ALA C 24 3.68 -14.96 16.83
CA ALA C 24 4.95 -14.26 16.81
C ALA C 24 5.49 -14.08 18.21
N SER C 25 6.80 -14.00 18.31
CA SER C 25 7.43 -13.71 19.60
C SER C 25 8.80 -13.06 19.40
N GLY C 26 9.32 -12.46 20.47
CA GLY C 26 10.64 -11.84 20.42
C GLY C 26 10.58 -10.41 19.91
N PHE C 27 9.39 -9.96 19.52
CA PHE C 27 9.17 -8.58 19.14
C PHE C 27 7.72 -8.23 19.40
N THR C 28 7.42 -6.93 19.47
CA THR C 28 6.04 -6.47 19.71
C THR C 28 5.23 -6.57 18.43
N PHE C 29 4.47 -7.66 18.32
CA PHE C 29 3.68 -7.97 17.13
C PHE C 29 2.78 -6.81 16.67
N ASP C 30 2.24 -6.03 17.62
CA ASP C 30 1.30 -4.96 17.29
C ASP C 30 1.88 -3.89 16.38
N ASP C 31 3.22 -3.79 16.36
CA ASP C 31 3.89 -2.68 15.69
C ASP C 31 4.24 -2.94 14.21
N TYR C 32 4.04 -4.15 13.73
CA TYR C 32 4.60 -4.57 12.44
C TYR C 32 3.58 -5.04 11.39
N ALA C 33 3.85 -4.74 10.13
CA ALA C 33 3.06 -5.29 9.03
C ALA C 33 3.43 -6.75 8.80
N MET C 34 2.45 -7.54 8.42
CA MET C 34 2.63 -8.98 8.31
C MET C 34 2.13 -9.46 6.95
N HIS C 35 2.76 -10.52 6.45
CA HIS C 35 2.47 -11.04 5.13
C HIS C 35 2.47 -12.56 5.12
N TRP C 36 1.70 -13.12 4.21
CA TRP C 36 1.85 -14.52 3.82
C TRP C 36 2.47 -14.56 2.44
N VAL C 37 3.47 -15.43 2.29
CA VAL C 37 4.15 -15.69 1.02
C VAL C 37 4.21 -17.21 0.86
N ARG C 38 3.97 -17.69 -0.35
CA ARG C 38 3.88 -19.13 -0.54
C ARG C 38 4.85 -19.62 -1.61
N GLN C 39 5.14 -20.91 -1.56
CA GLN C 39 6.08 -21.53 -2.47
C GLN C 39 5.65 -22.93 -2.83
N ALA C 40 5.28 -23.12 -4.08
CA ALA C 40 4.89 -24.43 -4.55
C ALA C 40 6.19 -25.25 -4.67
N PRO C 41 6.10 -26.57 -4.46
CA PRO C 41 7.29 -27.43 -4.49
C PRO C 41 8.12 -27.21 -5.75
N GLY C 42 9.37 -26.81 -5.57
CA GLY C 42 10.27 -26.58 -6.70
C GLY C 42 10.03 -25.29 -7.44
N LYS C 43 9.27 -24.37 -6.85
CA LYS C 43 8.90 -23.15 -7.55
C LYS C 43 9.39 -21.92 -6.78
N GLY C 44 9.13 -20.75 -7.34
CA GLY C 44 9.59 -19.51 -6.73
C GLY C 44 8.65 -19.04 -5.64
N LEU C 45 8.99 -17.88 -5.07
CA LEU C 45 8.16 -17.27 -4.05
C LEU C 45 7.03 -16.48 -4.68
N GLU C 46 5.85 -16.56 -4.08
CA GLU C 46 4.68 -15.80 -4.52
C GLU C 46 4.03 -15.11 -3.32
N TRP C 47 4.09 -13.78 -3.31
CA TRP C 47 3.37 -13.01 -2.28
C TRP C 47 1.90 -13.34 -2.38
N VAL C 48 1.29 -13.60 -1.24
CA VAL C 48 -0.13 -13.98 -1.17
C VAL C 48 -0.98 -12.85 -0.63
N SER C 49 -0.58 -12.32 0.52
CA SER C 49 -1.38 -11.31 1.19
C SER C 49 -0.57 -10.57 2.24
N GLY C 50 -0.94 -9.33 2.49
CA GLY C 50 -0.28 -8.52 3.49
C GLY C 50 -1.25 -7.64 4.25
N ILE C 51 -0.88 -7.29 5.47
CA ILE C 51 -1.76 -6.56 6.38
C ILE C 51 -0.94 -5.68 7.34
N SER C 52 -1.34 -4.42 7.47
CA SER C 52 -0.62 -3.48 8.32
C SER C 52 -0.90 -3.72 9.81
N TRP C 53 -0.13 -3.03 10.65
CA TRP C 53 -0.17 -3.22 12.10
C TRP C 53 -1.58 -3.18 12.70
N ASN C 54 -2.42 -2.25 12.24
CA ASN C 54 -3.76 -2.09 12.79
C ASN C 54 -4.85 -2.60 11.85
N SER C 55 -4.45 -3.45 10.90
CA SER C 55 -5.36 -4.00 9.89
C SER C 55 -6.00 -2.94 8.97
N GLY C 56 -5.51 -1.70 9.02
CA GLY C 56 -6.10 -0.61 8.26
C GLY C 56 -5.72 -0.69 6.79
N SER C 57 -4.66 -1.45 6.49
CA SER C 57 -4.28 -1.64 5.11
C SER C 57 -4.10 -3.13 4.75
N ILE C 58 -4.78 -3.58 3.70
CA ILE C 58 -4.78 -4.99 3.31
C ILE C 58 -4.64 -5.20 1.79
N GLY C 59 -3.80 -6.15 1.40
CA GLY C 59 -3.63 -6.48 0.00
C GLY C 59 -3.56 -7.98 -0.31
N TYR C 60 -4.01 -8.34 -1.51
CA TYR C 60 -4.01 -9.73 -1.94
C TYR C 60 -3.39 -9.86 -3.32
N ALA C 61 -2.70 -10.96 -3.55
CA ALA C 61 -2.35 -11.31 -4.92
C ALA C 61 -3.65 -11.58 -5.68
N ASP C 62 -3.70 -11.17 -6.94
CA ASP C 62 -4.85 -11.45 -7.79
C ASP C 62 -5.27 -12.92 -7.81
N SER C 63 -4.30 -13.82 -7.72
CA SER C 63 -4.56 -15.27 -7.79
C SER C 63 -5.38 -15.84 -6.61
N VAL C 64 -5.41 -15.13 -5.48
CA VAL C 64 -6.16 -15.61 -4.31
C VAL C 64 -7.26 -14.64 -3.87
N LYS C 65 -7.37 -13.50 -4.54
CA LYS C 65 -8.32 -12.47 -4.19
C LYS C 65 -9.75 -13.01 -4.32
N GLY C 66 -10.52 -12.84 -3.25
CA GLY C 66 -11.90 -13.29 -3.26
C GLY C 66 -12.04 -14.67 -2.64
N ARG C 67 -10.93 -15.36 -2.47
CA ARG C 67 -10.98 -16.71 -1.92
C ARG C 67 -10.26 -16.80 -0.59
N PHE C 68 -9.23 -15.98 -0.42
CA PHE C 68 -8.44 -16.02 0.81
C PHE C 68 -8.71 -14.74 1.60
N THR C 69 -8.73 -14.84 2.92
CA THR C 69 -8.83 -13.63 3.75
C THR C 69 -7.74 -13.60 4.80
N ILE C 70 -6.99 -12.50 4.82
CA ILE C 70 -5.98 -12.29 5.84
C ILE C 70 -6.62 -11.52 7.00
N SER C 71 -6.20 -11.83 8.22
CA SER C 71 -6.61 -11.06 9.38
C SER C 71 -5.55 -11.25 10.45
N ARG C 72 -5.64 -10.48 11.53
CA ARG C 72 -4.69 -10.56 12.61
C ARG C 72 -5.35 -10.19 13.94
N ASP C 73 -4.77 -10.66 15.04
CA ASP C 73 -5.31 -10.38 16.38
C ASP C 73 -4.12 -9.98 17.25
N ASN C 74 -3.95 -8.67 17.48
CA ASN C 74 -2.76 -8.18 18.17
C ASN C 74 -2.61 -8.61 19.65
N ALA C 75 -3.73 -8.95 20.27
CA ALA C 75 -3.71 -9.44 21.65
C ALA C 75 -3.18 -10.87 21.69
N LYS C 76 -3.54 -11.65 20.68
CA LYS C 76 -3.06 -13.02 20.56
C LYS C 76 -1.73 -13.07 19.82
N ASN C 77 -1.22 -11.89 19.47
CA ASN C 77 0.02 -11.76 18.71
C ASN C 77 0.10 -12.71 17.53
N SER C 78 -0.99 -12.78 16.77
CA SER C 78 -1.09 -13.80 15.74
C SER C 78 -1.67 -13.30 14.43
N LEU C 79 -1.20 -13.87 13.34
CA LEU C 79 -1.68 -13.59 12.01
C LEU C 79 -2.45 -14.81 11.53
N TYR C 80 -3.54 -14.58 10.78
CA TYR C 80 -4.30 -15.71 10.22
C TYR C 80 -4.46 -15.62 8.71
N LEU C 81 -4.74 -16.76 8.09
CA LEU C 81 -5.16 -16.80 6.69
C LEU C 81 -6.29 -17.82 6.52
N GLN C 82 -7.49 -17.32 6.23
CA GLN C 82 -8.63 -18.17 5.96
C GLN C 82 -8.67 -18.50 4.48
N MET C 83 -8.48 -19.76 4.13
CA MET C 83 -8.46 -20.17 2.74
C MET C 83 -9.74 -20.92 2.36
N ASN C 84 -10.51 -20.33 1.45
CA ASN C 84 -11.75 -20.94 0.97
C ASN C 84 -11.62 -21.39 -0.49
N SER C 85 -12.45 -22.34 -0.92
CA SER C 85 -12.45 -22.83 -2.30
C SER C 85 -11.06 -23.22 -2.76
N LEU C 86 -10.38 -24.01 -1.93
CA LEU C 86 -9.04 -24.45 -2.25
C LEU C 86 -9.00 -25.20 -3.57
N ARG C 87 -7.94 -24.93 -4.34
CA ARG C 87 -7.71 -25.56 -5.62
C ARG C 87 -6.34 -26.22 -5.55
N ALA C 88 -6.12 -27.24 -6.38
CA ALA C 88 -4.81 -27.90 -6.47
C ALA C 88 -3.65 -26.92 -6.68
N GLU C 89 -3.88 -25.84 -7.42
CA GLU C 89 -2.85 -24.84 -7.68
C GLU C 89 -2.43 -24.08 -6.42
N ASP C 90 -3.18 -24.22 -5.32
CA ASP C 90 -2.84 -23.55 -4.05
C ASP C 90 -1.86 -24.34 -3.19
N THR C 91 -1.49 -25.52 -3.68
CA THR C 91 -0.54 -26.40 -2.98
C THR C 91 0.84 -25.73 -2.84
N ALA C 92 1.28 -25.52 -1.61
CA ALA C 92 2.52 -24.81 -1.35
C ALA C 92 2.93 -24.89 0.11
N LEU C 93 4.18 -24.54 0.39
CA LEU C 93 4.60 -24.19 1.73
C LEU C 93 4.21 -22.73 1.94
N TYR C 94 3.53 -22.46 3.05
CA TYR C 94 3.08 -21.11 3.31
C TYR C 94 3.94 -20.46 4.39
N TYR C 95 4.65 -19.41 4.02
CA TYR C 95 5.48 -18.67 4.96
C TYR C 95 4.77 -17.46 5.54
N CYS C 96 5.07 -17.21 6.80
CA CYS C 96 4.72 -15.99 7.49
C CYS C 96 5.97 -15.09 7.47
N ALA C 97 5.81 -13.82 7.14
CA ALA C 97 6.94 -12.90 7.21
C ALA C 97 6.53 -11.50 7.69
N LYS C 98 7.42 -10.83 8.41
CA LYS C 98 7.17 -9.47 8.88
C LYS C 98 8.01 -8.45 8.11
N ASP C 99 7.55 -7.20 8.08
CA ASP C 99 8.36 -6.07 7.60
C ASP C 99 9.06 -5.39 8.80
N SER C 100 10.16 -4.69 8.56
CA SER C 100 10.75 -3.88 9.63
C SER C 100 9.77 -2.74 9.95
N PRO C 101 9.96 -2.04 11.07
CA PRO C 101 9.00 -0.94 11.27
C PRO C 101 9.22 0.10 10.17
N ARG C 102 8.16 0.73 9.71
CA ARG C 102 8.24 1.70 8.61
C ARG C 102 8.56 1.06 7.26
N GLY C 103 8.70 -0.27 7.23
CA GLY C 103 8.82 -1.00 5.99
C GLY C 103 10.15 -0.86 5.25
N GLU C 104 11.16 -0.32 5.92
CA GLU C 104 12.47 -0.14 5.30
C GLU C 104 13.06 -1.48 4.90
N LEU C 105 12.93 -2.49 5.77
CA LEU C 105 13.38 -3.83 5.44
C LEU C 105 12.17 -4.75 5.30
N PRO C 106 11.66 -4.88 4.07
CA PRO C 106 10.47 -5.72 3.85
C PRO C 106 10.86 -7.19 3.98
N PHE C 107 9.94 -8.02 4.47
CA PHE C 107 10.23 -9.43 4.73
C PHE C 107 11.58 -9.61 5.42
N ASP C 108 11.81 -8.88 6.52
CA ASP C 108 13.13 -8.97 7.16
C ASP C 108 13.28 -10.22 8.03
N TYR C 109 12.17 -10.89 8.32
CA TYR C 109 12.22 -12.19 9.00
C TYR C 109 11.08 -13.09 8.55
N TRP C 110 11.41 -14.37 8.34
CA TRP C 110 10.48 -15.35 7.81
C TRP C 110 10.39 -16.55 8.75
N GLY C 111 9.17 -17.08 8.95
CA GLY C 111 9.00 -18.33 9.69
C GLY C 111 9.43 -19.51 8.83
N GLN C 112 9.29 -20.73 9.38
CA GLN C 112 9.70 -21.95 8.66
C GLN C 112 8.64 -22.43 7.67
N GLY C 113 7.43 -21.91 7.82
CA GLY C 113 6.34 -22.26 6.92
C GLY C 113 5.54 -23.49 7.32
N THR C 114 4.29 -23.50 6.87
CA THR C 114 3.43 -24.67 7.05
C THR C 114 2.93 -25.16 5.69
N LEU C 115 2.95 -26.48 5.51
CA LEU C 115 2.69 -27.05 4.20
C LEU C 115 1.20 -27.28 3.97
N VAL C 116 0.73 -26.82 2.83
CA VAL C 116 -0.64 -27.06 2.41
C VAL C 116 -0.67 -27.89 1.12
N THR C 117 -1.30 -29.05 1.20
CA THR C 117 -1.44 -29.90 0.04
C THR C 117 -2.91 -30.06 -0.33
N VAL C 118 -3.29 -29.64 -1.53
CA VAL C 118 -4.66 -29.80 -2.04
C VAL C 118 -4.68 -30.86 -3.15
N SER C 119 -5.38 -31.98 -2.93
CA SER C 119 -5.26 -33.09 -3.89
C SER C 119 -6.53 -33.87 -4.31
N SER C 120 -7.13 -34.61 -3.39
CA SER C 120 -8.18 -35.59 -3.73
C SER C 120 -7.69 -36.78 -4.57
N ALA C 121 -6.51 -37.32 -4.26
CA ALA C 121 -5.90 -38.37 -5.10
C ALA C 121 -6.40 -39.78 -4.81
N SER C 122 -6.10 -40.29 -3.61
CA SER C 122 -6.42 -41.66 -3.19
C SER C 122 -5.56 -42.76 -3.85
N THR C 123 -5.28 -43.79 -3.05
CA THR C 123 -4.39 -44.89 -3.43
C THR C 123 -4.71 -45.51 -4.77
N LYS C 124 -3.71 -45.54 -5.64
CA LYS C 124 -3.89 -46.09 -6.98
C LYS C 124 -2.61 -46.75 -7.43
N GLY C 125 -2.71 -48.01 -7.85
CA GLY C 125 -1.59 -48.73 -8.39
C GLY C 125 -1.16 -48.15 -9.72
N PRO C 126 0.09 -48.43 -10.12
CA PRO C 126 0.69 -47.88 -11.34
C PRO C 126 0.38 -48.69 -12.59
N SER C 127 0.35 -48.01 -13.73
CA SER C 127 0.34 -48.67 -15.02
C SER C 127 1.76 -48.63 -15.56
N VAL C 128 2.31 -49.80 -15.85
CA VAL C 128 3.69 -49.88 -16.31
C VAL C 128 3.76 -50.14 -17.81
N PHE C 129 4.44 -49.26 -18.53
CA PHE C 129 4.60 -49.41 -19.98
C PHE C 129 6.07 -49.57 -20.34
N PRO C 130 6.36 -50.32 -21.40
CA PRO C 130 7.75 -50.55 -21.82
C PRO C 130 8.34 -49.37 -22.61
N LEU C 131 9.59 -49.02 -22.32
CA LEU C 131 10.30 -48.05 -23.13
C LEU C 131 11.30 -48.81 -23.99
N ALA C 132 10.85 -49.23 -25.17
CA ALA C 132 11.61 -50.14 -26.01
C ALA C 132 12.82 -49.48 -26.67
N PRO C 133 13.89 -50.26 -26.88
CA PRO C 133 15.06 -49.80 -27.62
C PRO C 133 14.87 -49.98 -29.12
N THR C 142 25.42 -48.61 -25.40
CA THR C 142 25.11 -48.25 -26.78
C THR C 142 23.62 -48.47 -27.11
N ALA C 143 22.80 -48.69 -26.09
CA ALA C 143 21.35 -48.87 -26.27
C ALA C 143 20.59 -48.76 -24.94
N ALA C 144 19.61 -47.85 -24.90
CA ALA C 144 18.83 -47.64 -23.68
C ALA C 144 17.43 -48.21 -23.79
N LEU C 145 16.98 -48.85 -22.72
CA LEU C 145 15.62 -49.37 -22.64
C LEU C 145 15.08 -49.10 -21.23
N GLY C 146 13.77 -49.12 -21.07
CA GLY C 146 13.22 -48.82 -19.76
C GLY C 146 11.76 -49.17 -19.50
N CYS C 147 11.27 -48.70 -18.36
CA CYS C 147 9.87 -48.82 -17.99
C CYS C 147 9.35 -47.46 -17.58
N LEU C 148 8.15 -47.12 -18.04
CA LEU C 148 7.49 -45.92 -17.60
C LEU C 148 6.44 -46.35 -16.59
N VAL C 149 6.60 -45.88 -15.37
CA VAL C 149 5.69 -46.24 -14.28
C VAL C 149 4.71 -45.08 -14.10
N LYS C 150 3.49 -45.27 -14.53
CA LYS C 150 2.57 -44.15 -14.75
C LYS C 150 1.39 -44.11 -13.79
N ASP C 151 1.04 -42.90 -13.36
CA ASP C 151 -0.23 -42.61 -12.69
C ASP C 151 -0.49 -43.40 -11.41
N TYR C 152 0.50 -43.43 -10.52
CA TYR C 152 0.32 -44.09 -9.24
C TYR C 152 0.20 -43.07 -8.11
N PHE C 153 -0.28 -43.54 -6.96
CA PHE C 153 -0.39 -42.72 -5.77
C PHE C 153 -0.62 -43.62 -4.56
N PRO C 154 0.05 -43.33 -3.43
CA PRO C 154 1.04 -42.25 -3.31
C PRO C 154 2.45 -42.78 -3.55
N GLU C 155 3.45 -42.01 -3.16
CA GLU C 155 4.83 -42.46 -3.18
C GLU C 155 5.00 -43.44 -2.03
N PRO C 156 6.00 -44.33 -2.11
CA PRO C 156 6.94 -44.48 -3.23
C PRO C 156 6.75 -45.77 -4.01
N VAL C 157 7.41 -45.86 -5.17
CA VAL C 157 7.65 -47.14 -5.82
C VAL C 157 9.16 -47.41 -5.89
N THR C 158 9.54 -48.67 -6.06
CA THR C 158 10.93 -49.04 -6.23
C THR C 158 11.05 -49.87 -7.49
N VAL C 159 12.19 -49.78 -8.16
CA VAL C 159 12.40 -50.54 -9.37
C VAL C 159 13.72 -51.28 -9.35
N SER C 160 13.67 -52.57 -9.63
CA SER C 160 14.88 -53.36 -9.86
C SER C 160 14.83 -53.90 -11.27
N TRP C 161 15.92 -54.53 -11.71
CA TRP C 161 15.92 -55.13 -13.04
C TRP C 161 16.33 -56.59 -12.98
N ASN C 162 15.61 -57.41 -13.73
CA ASN C 162 15.78 -58.86 -13.74
C ASN C 162 15.98 -59.45 -12.34
N SER C 163 15.06 -59.10 -11.44
CA SER C 163 15.08 -59.53 -10.06
C SER C 163 16.35 -59.16 -9.33
N GLY C 164 16.95 -58.03 -9.70
CA GLY C 164 18.12 -57.53 -8.99
C GLY C 164 19.46 -58.01 -9.50
N ALA C 165 19.43 -58.92 -10.49
CA ALA C 165 20.65 -59.47 -11.08
C ALA C 165 21.25 -58.51 -12.12
N LEU C 166 20.48 -57.51 -12.52
CA LEU C 166 20.95 -56.49 -13.43
C LEU C 166 20.93 -55.16 -12.71
N THR C 167 22.11 -54.66 -12.36
CA THR C 167 22.23 -53.42 -11.62
C THR C 167 23.16 -52.46 -12.34
N SER C 168 24.07 -53.04 -13.12
CA SER C 168 25.05 -52.26 -13.85
C SER C 168 24.41 -51.49 -15.00
N GLY C 169 24.41 -50.16 -14.90
CA GLY C 169 23.89 -49.31 -15.95
C GLY C 169 22.42 -48.95 -15.76
N VAL C 170 21.88 -49.33 -14.61
CA VAL C 170 20.50 -49.02 -14.26
C VAL C 170 20.39 -47.60 -13.71
N HIS C 171 19.46 -46.82 -14.24
CA HIS C 171 19.22 -45.48 -13.72
C HIS C 171 17.71 -45.29 -13.47
N THR C 172 17.34 -45.22 -12.19
CA THR C 172 15.93 -44.99 -11.84
C THR C 172 15.75 -43.53 -11.43
N PHE C 173 14.83 -42.85 -12.09
CA PHE C 173 14.63 -41.41 -11.88
C PHE C 173 13.60 -41.13 -10.79
N PRO C 174 13.78 -40.02 -10.07
CA PRO C 174 12.75 -39.51 -9.17
C PRO C 174 11.45 -39.23 -9.91
N ALA C 175 10.34 -39.27 -9.19
CA ALA C 175 9.04 -39.16 -9.82
C ALA C 175 8.69 -37.73 -10.17
N VAL C 176 7.75 -37.56 -11.09
CA VAL C 176 7.12 -36.27 -11.33
C VAL C 176 5.71 -36.30 -10.76
N LEU C 177 5.31 -35.20 -10.13
CA LEU C 177 3.95 -35.09 -9.62
C LEU C 177 3.08 -34.41 -10.68
N GLN C 178 2.23 -35.18 -11.33
CA GLN C 178 1.40 -34.66 -12.41
C GLN C 178 0.32 -33.71 -11.89
N SER C 179 -0.30 -32.97 -12.82
CA SER C 179 -1.34 -32.03 -12.48
C SER C 179 -2.64 -32.76 -12.12
N SER C 180 -2.69 -34.04 -12.47
CA SER C 180 -3.84 -34.88 -12.16
C SER C 180 -3.81 -35.37 -10.70
N GLY C 181 -2.75 -35.01 -9.98
CA GLY C 181 -2.58 -35.45 -8.62
C GLY C 181 -1.77 -36.74 -8.49
N LEU C 182 -1.57 -37.44 -9.61
CA LEU C 182 -0.87 -38.75 -9.60
C LEU C 182 0.60 -38.64 -9.97
N TYR C 183 1.41 -39.54 -9.42
CA TYR C 183 2.85 -39.58 -9.71
C TYR C 183 3.19 -40.44 -10.94
N SER C 184 4.37 -40.17 -11.52
CA SER C 184 4.91 -40.95 -12.63
C SER C 184 6.42 -40.92 -12.59
N LEU C 185 7.06 -42.08 -12.74
CA LEU C 185 8.50 -42.12 -12.93
C LEU C 185 8.94 -43.02 -14.09
N SER C 186 10.25 -43.01 -14.36
CA SER C 186 10.85 -43.89 -15.35
C SER C 186 12.13 -44.48 -14.78
N SER C 187 12.43 -45.70 -15.21
CA SER C 187 13.71 -46.34 -14.94
C SER C 187 14.27 -46.87 -16.25
N VAL C 188 15.51 -46.54 -16.55
CA VAL C 188 16.14 -47.03 -17.76
C VAL C 188 17.44 -47.73 -17.45
N VAL C 189 17.81 -48.67 -18.31
CA VAL C 189 19.09 -49.33 -18.20
C VAL C 189 19.74 -49.29 -19.58
N THR C 190 21.06 -49.11 -19.60
CA THR C 190 21.81 -49.12 -20.84
C THR C 190 22.46 -50.49 -21.05
N VAL C 191 22.28 -51.05 -22.25
CA VAL C 191 22.83 -52.37 -22.55
C VAL C 191 23.50 -52.37 -23.92
N PRO C 192 24.38 -53.36 -24.17
CA PRO C 192 24.95 -53.48 -25.51
C PRO C 192 23.86 -53.78 -26.51
N SER C 193 23.87 -53.08 -27.65
CA SER C 193 22.91 -53.30 -28.71
C SER C 193 22.91 -54.76 -29.19
N SER C 194 24.06 -55.43 -29.05
CA SER C 194 24.19 -56.81 -29.44
C SER C 194 23.35 -57.71 -28.53
N SER C 195 23.35 -57.40 -27.23
CA SER C 195 22.60 -58.18 -26.26
C SER C 195 21.09 -58.24 -26.53
N LEU C 196 20.59 -57.29 -27.33
CA LEU C 196 19.15 -57.16 -27.56
C LEU C 196 18.51 -58.40 -28.16
N GLY C 197 19.27 -59.08 -29.02
CA GLY C 197 18.75 -60.26 -29.68
C GLY C 197 18.45 -61.40 -28.73
N THR C 198 19.36 -61.66 -27.80
CA THR C 198 19.28 -62.83 -26.94
C THR C 198 18.75 -62.56 -25.52
N GLN C 199 19.21 -61.48 -24.92
CA GLN C 199 18.93 -61.24 -23.50
C GLN C 199 17.52 -60.73 -23.20
N THR C 200 16.95 -61.25 -22.11
CA THR C 200 15.63 -60.83 -21.65
C THR C 200 15.79 -59.70 -20.62
N TYR C 201 14.99 -58.65 -20.78
CA TYR C 201 15.00 -57.56 -19.82
C TYR C 201 13.65 -57.38 -19.15
N ILE C 202 13.62 -57.53 -17.83
CA ILE C 202 12.40 -57.39 -17.06
C ILE C 202 12.61 -56.38 -15.95
N CYS C 203 11.80 -55.32 -15.95
CA CYS C 203 11.82 -54.40 -14.82
C CYS C 203 10.82 -54.87 -13.76
N ASN C 204 11.23 -54.76 -12.50
CA ASN C 204 10.38 -55.20 -11.39
C ASN C 204 9.93 -54.01 -10.60
N VAL C 205 8.66 -53.67 -10.72
CA VAL C 205 8.11 -52.48 -10.11
C VAL C 205 7.36 -52.87 -8.84
N ASN C 206 7.69 -52.21 -7.74
CA ASN C 206 6.99 -52.47 -6.47
C ASN C 206 6.30 -51.22 -5.96
N HIS C 207 4.99 -51.33 -5.72
CA HIS C 207 4.22 -50.24 -5.13
C HIS C 207 3.53 -50.75 -3.87
N LYS C 208 4.25 -50.73 -2.74
CA LYS C 208 3.68 -51.21 -1.48
C LYS C 208 2.35 -50.57 -1.05
N PRO C 209 2.20 -49.23 -1.18
CA PRO C 209 0.94 -48.64 -0.69
C PRO C 209 -0.33 -49.21 -1.32
N SER C 210 -0.27 -49.66 -2.56
CA SER C 210 -1.44 -50.26 -3.19
C SER C 210 -1.30 -51.77 -3.21
N ASN C 211 -0.25 -52.27 -2.54
CA ASN C 211 0.06 -53.69 -2.48
C ASN C 211 0.20 -54.33 -3.86
N THR C 212 0.77 -53.57 -4.79
CA THR C 212 0.96 -54.03 -6.17
C THR C 212 2.43 -54.19 -6.51
N LYS C 213 2.76 -55.29 -7.19
CA LYS C 213 4.07 -55.47 -7.79
C LYS C 213 3.88 -55.83 -9.25
N VAL C 214 4.70 -55.24 -10.11
CA VAL C 214 4.59 -55.48 -11.54
C VAL C 214 5.92 -55.92 -12.13
N ASP C 215 5.90 -57.01 -12.89
CA ASP C 215 7.06 -57.39 -13.69
C ASP C 215 6.79 -57.13 -15.17
N LYS C 216 7.59 -56.25 -15.77
CA LYS C 216 7.42 -55.88 -17.17
C LYS C 216 8.60 -56.28 -18.05
N ARG C 217 8.36 -57.23 -18.94
CA ARG C 217 9.32 -57.61 -19.94
C ARG C 217 9.36 -56.51 -21.00
N VAL C 218 10.53 -55.92 -21.19
CA VAL C 218 10.71 -54.88 -22.21
C VAL C 218 11.42 -55.50 -23.40
N GLU C 219 10.79 -55.40 -24.56
CA GLU C 219 11.33 -56.01 -25.77
C GLU C 219 11.47 -54.95 -26.84
N PRO C 220 12.37 -55.19 -27.82
CA PRO C 220 12.51 -54.32 -28.98
C PRO C 220 11.25 -54.30 -29.84
N SER D 1 -0.08 -9.29 -15.87
CA SER D 1 0.34 -8.61 -14.66
C SER D 1 1.78 -8.11 -14.77
N TYR D 2 2.34 -7.66 -13.65
CA TYR D 2 3.72 -7.17 -13.61
C TYR D 2 4.68 -8.29 -13.22
N GLU D 3 5.83 -8.37 -13.89
CA GLU D 3 6.77 -9.46 -13.65
C GLU D 3 8.22 -8.99 -13.51
N LEU D 4 8.98 -9.68 -12.67
CA LEU D 4 10.40 -9.46 -12.61
C LEU D 4 11.10 -10.66 -13.21
N THR D 5 12.01 -10.41 -14.15
CA THR D 5 12.68 -11.47 -14.87
C THR D 5 14.11 -11.67 -14.38
N GLN D 6 14.43 -12.89 -13.95
CA GLN D 6 15.76 -13.29 -13.53
C GLN D 6 16.19 -14.51 -14.36
N PRO D 7 17.50 -14.68 -14.58
CA PRO D 7 17.98 -15.94 -15.16
C PRO D 7 17.67 -17.07 -14.19
N PRO D 8 17.24 -18.23 -14.70
CA PRO D 8 16.91 -19.33 -13.81
C PRO D 8 18.15 -19.87 -13.12
N SER D 9 19.31 -19.67 -13.72
CA SER D 9 20.53 -20.31 -13.23
C SER D 9 21.76 -19.47 -13.45
N VAL D 10 22.67 -19.46 -12.48
CA VAL D 10 23.99 -18.85 -12.63
C VAL D 10 25.04 -19.72 -11.92
N SER D 11 26.20 -19.87 -12.53
CA SER D 11 27.25 -20.62 -11.86
C SER D 11 28.60 -19.94 -12.03
N VAL D 12 29.44 -20.08 -11.00
CA VAL D 12 30.77 -19.50 -10.99
C VAL D 12 31.74 -20.49 -10.33
N SER D 13 33.02 -20.36 -10.67
CA SER D 13 34.06 -21.09 -9.96
C SER D 13 34.21 -20.47 -8.57
N PRO D 14 34.75 -21.23 -7.60
CA PRO D 14 34.93 -20.67 -6.25
C PRO D 14 35.85 -19.45 -6.30
N GLY D 15 35.49 -18.41 -5.56
CA GLY D 15 36.28 -17.19 -5.56
C GLY D 15 35.83 -16.16 -6.59
N GLN D 16 35.12 -16.59 -7.61
CA GLN D 16 34.67 -15.66 -8.63
C GLN D 16 33.50 -14.80 -8.17
N THR D 17 33.19 -13.78 -8.95
CA THR D 17 32.10 -12.88 -8.66
C THR D 17 30.84 -13.33 -9.38
N ALA D 18 29.78 -13.58 -8.64
CA ALA D 18 28.53 -13.96 -9.27
C ALA D 18 27.63 -12.73 -9.40
N ARG D 19 27.07 -12.54 -10.59
CA ARG D 19 26.16 -11.45 -10.85
C ARG D 19 24.79 -11.99 -11.24
N ILE D 20 23.78 -11.54 -10.51
CA ILE D 20 22.43 -11.98 -10.75
C ILE D 20 21.60 -10.75 -11.07
N THR D 21 20.97 -10.75 -12.24
CA THR D 21 20.22 -9.58 -12.67
C THR D 21 18.73 -9.76 -12.49
N CYS D 22 18.05 -8.64 -12.36
CA CYS D 22 16.62 -8.62 -12.19
C CYS D 22 16.06 -7.51 -13.04
N SER D 23 15.20 -7.86 -13.97
CA SER D 23 14.68 -6.87 -14.90
C SER D 23 13.18 -6.63 -14.69
N GLY D 24 12.79 -5.36 -14.60
CA GLY D 24 11.38 -5.00 -14.48
C GLY D 24 11.05 -3.58 -14.89
N ASP D 25 9.84 -3.40 -15.44
CA ASP D 25 9.39 -2.10 -15.94
C ASP D 25 9.18 -1.04 -14.87
N ALA D 26 8.98 -1.44 -13.62
CA ALA D 26 8.71 -0.48 -12.55
C ALA D 26 9.98 -0.09 -11.80
N LEU D 27 11.09 -0.76 -12.11
CA LEU D 27 12.35 -0.49 -11.39
C LEU D 27 12.90 0.94 -11.47
N PRO D 28 12.71 1.67 -12.59
CA PRO D 28 13.16 3.07 -12.57
C PRO D 28 12.61 3.93 -11.41
N LYS D 29 11.41 3.60 -10.91
CA LYS D 29 10.77 4.41 -9.87
C LYS D 29 10.57 3.64 -8.56
N LYS D 30 11.07 2.41 -8.48
CA LYS D 30 10.92 1.60 -7.28
C LYS D 30 12.25 0.99 -6.85
N TYR D 31 12.42 0.73 -5.57
CA TYR D 31 13.61 0.07 -5.04
C TYR D 31 13.62 -1.44 -5.31
N ALA D 32 14.81 -2.02 -5.31
CA ALA D 32 14.95 -3.47 -5.43
C ALA D 32 15.45 -4.13 -4.12
N TYR D 33 15.01 -5.35 -3.86
CA TYR D 33 15.39 -6.10 -2.65
C TYR D 33 15.76 -7.52 -3.03
N TRP D 34 16.70 -8.10 -2.29
CA TRP D 34 17.21 -9.43 -2.64
C TRP D 34 17.14 -10.40 -1.48
N TYR D 35 16.69 -11.62 -1.77
CA TYR D 35 16.56 -12.67 -0.77
C TYR D 35 17.33 -13.92 -1.17
N GLN D 36 17.97 -14.53 -0.17
CA GLN D 36 18.72 -15.75 -0.35
C GLN D 36 17.96 -16.88 0.31
N GLN D 37 17.70 -17.94 -0.44
CA GLN D 37 17.06 -19.11 0.14
C GLN D 37 17.92 -20.34 -0.06
N LYS D 38 18.62 -20.75 0.98
CA LYS D 38 19.39 -21.99 0.92
C LYS D 38 18.48 -23.22 0.93
N SER D 39 19.02 -24.34 0.50
CA SER D 39 18.27 -25.58 0.38
C SER D 39 17.58 -25.95 1.69
N GLY D 40 16.26 -26.15 1.63
CA GLY D 40 15.48 -26.53 2.78
C GLY D 40 15.35 -25.46 3.86
N GLN D 41 15.60 -24.20 3.51
CA GLN D 41 15.52 -23.14 4.51
C GLN D 41 14.57 -22.02 4.13
N ALA D 42 14.28 -21.16 5.11
CA ALA D 42 13.49 -19.96 4.89
C ALA D 42 14.35 -18.88 4.25
N PRO D 43 13.73 -17.98 3.47
CA PRO D 43 14.47 -16.86 2.87
C PRO D 43 15.09 -15.93 3.91
N VAL D 44 16.18 -15.28 3.55
CA VAL D 44 16.82 -14.26 4.38
C VAL D 44 17.11 -13.04 3.50
N LEU D 45 16.80 -11.84 4.00
CA LEU D 45 17.04 -10.61 3.24
C LEU D 45 18.54 -10.32 3.25
N VAL D 46 19.15 -10.18 2.06
CA VAL D 46 20.59 -9.87 1.99
C VAL D 46 20.91 -8.46 1.47
N ILE D 47 19.99 -7.87 0.71
CA ILE D 47 20.18 -6.51 0.19
C ILE D 47 18.82 -5.81 0.17
N TYR D 48 18.76 -4.57 0.65
CA TYR D 48 17.54 -3.78 0.53
C TYR D 48 17.84 -2.41 -0.07
N GLU D 49 16.81 -1.77 -0.61
CA GLU D 49 16.95 -0.47 -1.29
C GLU D 49 18.10 -0.45 -2.29
N ASP D 50 18.12 -1.47 -3.15
CA ASP D 50 19.11 -1.62 -4.22
C ASP D 50 20.49 -2.11 -3.75
N SER D 51 21.02 -1.53 -2.69
CA SER D 51 22.46 -1.64 -2.42
C SER D 51 22.88 -1.66 -0.96
N LYS D 52 21.91 -1.64 -0.04
CA LYS D 52 22.21 -1.66 1.39
C LYS D 52 22.16 -3.07 1.97
N ARG D 53 23.04 -3.32 2.94
CA ARG D 53 23.13 -4.62 3.60
C ARG D 53 22.54 -4.55 4.98
N PRO D 54 21.65 -5.50 5.31
CA PRO D 54 21.19 -5.66 6.69
C PRO D 54 22.35 -6.01 7.61
N SER D 55 22.21 -5.75 8.90
CA SER D 55 23.21 -6.15 9.88
C SER D 55 23.46 -7.66 9.79
N GLY D 56 24.72 -8.07 9.81
CA GLY D 56 25.06 -9.48 9.76
C GLY D 56 25.12 -10.11 8.38
N ILE D 57 24.92 -9.32 7.32
CA ILE D 57 25.16 -9.80 5.97
C ILE D 57 26.60 -9.48 5.61
N PRO D 58 27.34 -10.47 5.07
CA PRO D 58 28.75 -10.18 4.81
C PRO D 58 28.91 -9.13 3.71
N GLU D 59 29.98 -8.35 3.78
CA GLU D 59 30.21 -7.26 2.83
C GLU D 59 30.52 -7.76 1.41
N ARG D 60 30.72 -9.08 1.25
CA ARG D 60 30.87 -9.68 -0.08
C ARG D 60 29.58 -9.50 -0.88
N PHE D 61 28.47 -9.37 -0.17
CA PHE D 61 27.18 -9.17 -0.83
C PHE D 61 26.92 -7.70 -1.12
N SER D 62 26.70 -7.37 -2.39
CA SER D 62 26.40 -5.99 -2.77
C SER D 62 25.37 -5.96 -3.88
N GLY D 63 24.81 -4.78 -4.12
CA GLY D 63 23.75 -4.64 -5.10
C GLY D 63 23.80 -3.28 -5.76
N SER D 64 23.25 -3.19 -6.97
CA SER D 64 23.18 -1.93 -7.69
C SER D 64 21.94 -1.98 -8.58
N SER D 65 21.48 -0.82 -9.01
CA SER D 65 20.33 -0.77 -9.89
C SER D 65 20.32 0.51 -10.71
N SER D 66 19.85 0.41 -11.95
CA SER D 66 19.78 1.54 -12.86
C SER D 66 18.76 1.26 -13.95
N GLY D 67 17.89 2.22 -14.24
CA GLY D 67 16.81 2.00 -15.19
C GLY D 67 15.96 0.81 -14.79
N THR D 68 15.83 -0.15 -15.70
CA THR D 68 14.91 -1.27 -15.50
C THR D 68 15.61 -2.56 -15.07
N MET D 69 16.83 -2.45 -14.56
CA MET D 69 17.56 -3.63 -14.10
C MET D 69 18.23 -3.40 -12.75
N ALA D 70 18.11 -4.39 -11.88
CA ALA D 70 18.86 -4.43 -10.63
C ALA D 70 19.79 -5.64 -10.65
N THR D 71 20.94 -5.51 -10.00
CA THR D 71 21.92 -6.58 -9.97
C THR D 71 22.40 -6.90 -8.56
N LEU D 72 22.30 -8.17 -8.20
CA LEU D 72 22.90 -8.67 -6.97
C LEU D 72 24.33 -9.08 -7.30
N THR D 73 25.29 -8.58 -6.51
CA THR D 73 26.67 -8.96 -6.74
C THR D 73 27.20 -9.74 -5.54
N ILE D 74 27.72 -10.93 -5.80
CA ILE D 74 28.29 -11.76 -4.74
C ILE D 74 29.76 -12.01 -5.05
N SER D 75 30.63 -11.25 -4.39
CA SER D 75 32.07 -11.32 -4.62
C SER D 75 32.67 -12.48 -3.84
N GLY D 76 33.79 -13.01 -4.33
CA GLY D 76 34.46 -14.14 -3.69
C GLY D 76 33.52 -15.29 -3.33
N ALA D 77 32.68 -15.70 -4.28
CA ALA D 77 31.68 -16.72 -4.02
C ALA D 77 32.29 -18.01 -3.47
N GLN D 78 31.70 -18.53 -2.39
CA GLN D 78 32.09 -19.80 -1.81
C GLN D 78 30.90 -20.75 -1.85
N VAL D 79 31.14 -22.03 -1.53
CA VAL D 79 30.10 -23.04 -1.62
C VAL D 79 28.89 -22.77 -0.73
N GLU D 80 29.11 -22.13 0.41
CA GLU D 80 27.97 -21.84 1.28
C GLU D 80 27.08 -20.70 0.76
N ASP D 81 27.50 -20.02 -0.31
CA ASP D 81 26.63 -19.02 -0.96
C ASP D 81 25.60 -19.67 -1.92
N GLU D 82 25.72 -20.98 -2.11
CA GLU D 82 24.78 -21.72 -2.96
C GLU D 82 23.36 -21.64 -2.43
N ALA D 83 22.47 -21.15 -3.27
CA ALA D 83 21.10 -20.87 -2.88
C ALA D 83 20.29 -20.41 -4.08
N ASP D 84 18.98 -20.33 -3.89
CA ASP D 84 18.13 -19.63 -4.83
C ASP D 84 18.02 -18.18 -4.40
N TYR D 85 18.27 -17.27 -5.33
CA TYR D 85 18.20 -15.85 -5.04
C TYR D 85 17.01 -15.19 -5.73
N TYR D 86 16.27 -14.38 -4.98
CA TYR D 86 15.03 -13.81 -5.47
C TYR D 86 15.07 -12.31 -5.35
N CYS D 87 14.84 -11.62 -6.45
CA CYS D 87 14.63 -10.18 -6.36
C CYS D 87 13.16 -9.91 -6.07
N TYR D 88 12.93 -8.79 -5.40
CA TYR D 88 11.60 -8.38 -5.03
C TYR D 88 11.44 -6.88 -5.30
N SER D 89 10.25 -6.50 -5.75
CA SER D 89 9.91 -5.09 -5.90
C SER D 89 8.41 -5.00 -6.01
N THR D 90 7.84 -3.80 -5.90
CA THR D 90 6.41 -3.64 -6.11
C THR D 90 6.13 -3.27 -7.55
N ASP D 91 4.91 -3.54 -8.01
CA ASP D 91 4.47 -2.99 -9.28
C ASP D 91 4.40 -1.44 -9.24
N SER D 92 4.08 -0.82 -10.37
CA SER D 92 4.03 0.63 -10.45
C SER D 92 3.08 1.26 -9.42
N SER D 93 1.91 0.66 -9.23
CA SER D 93 0.92 1.25 -8.33
C SER D 93 1.32 1.07 -6.87
N GLY D 94 2.10 0.02 -6.61
CA GLY D 94 2.48 -0.33 -5.26
C GLY D 94 1.40 -1.12 -4.54
N ASN D 95 0.47 -1.71 -5.28
CA ASN D 95 -0.55 -2.56 -4.66
C ASN D 95 -0.18 -4.04 -4.64
N HIS D 96 0.85 -4.42 -5.39
CA HIS D 96 1.31 -5.81 -5.43
C HIS D 96 2.79 -5.95 -5.09
N ARG D 97 3.09 -6.94 -4.26
CA ARG D 97 4.47 -7.30 -4.03
C ARG D 97 4.82 -8.42 -5.01
N VAL D 98 5.91 -8.25 -5.76
CA VAL D 98 6.27 -9.25 -6.74
C VAL D 98 7.70 -9.73 -6.61
N PHE D 99 7.87 -11.05 -6.71
CA PHE D 99 9.17 -11.68 -6.77
C PHE D 99 9.52 -12.08 -8.18
N GLY D 100 10.79 -11.92 -8.55
CA GLY D 100 11.31 -12.57 -9.73
C GLY D 100 11.24 -14.09 -9.55
N GLY D 101 11.38 -14.82 -10.64
CA GLY D 101 11.30 -16.28 -10.62
C GLY D 101 12.41 -16.96 -9.84
N GLY D 102 13.45 -16.21 -9.49
CA GLY D 102 14.57 -16.75 -8.74
C GLY D 102 15.69 -17.27 -9.60
N THR D 103 16.89 -17.29 -9.03
CA THR D 103 18.07 -17.77 -9.74
C THR D 103 18.81 -18.78 -8.88
N LYS D 104 18.99 -19.99 -9.40
CA LYS D 104 19.80 -21.00 -8.72
C LYS D 104 21.29 -20.70 -8.93
N LEU D 105 21.97 -20.34 -7.85
CA LEU D 105 23.41 -20.10 -7.88
C LEU D 105 24.22 -21.36 -7.51
N THR D 106 25.01 -21.85 -8.45
CA THR D 106 25.93 -22.94 -8.17
C THR D 106 27.37 -22.42 -8.11
N VAL D 107 28.10 -22.81 -7.07
CA VAL D 107 29.52 -22.56 -7.02
C VAL D 107 30.22 -23.90 -7.25
N LEU D 108 30.87 -24.04 -8.40
CA LEU D 108 31.35 -25.33 -8.88
C LEU D 108 32.26 -26.06 -7.88
N GLY D 109 31.90 -27.29 -7.54
CA GLY D 109 32.70 -28.09 -6.63
C GLY D 109 33.26 -29.31 -7.34
N GLN D 110 32.97 -29.40 -8.63
CA GLN D 110 33.37 -30.52 -9.48
C GLN D 110 33.27 -30.04 -10.93
N PRO D 111 33.88 -30.78 -11.89
CA PRO D 111 33.81 -30.31 -13.27
C PRO D 111 32.40 -30.29 -13.86
N LYS D 112 32.12 -29.30 -14.70
CA LYS D 112 30.88 -29.26 -15.45
C LYS D 112 30.71 -30.53 -16.29
N ALA D 113 29.47 -30.94 -16.47
CA ALA D 113 29.17 -32.07 -17.32
C ALA D 113 27.85 -31.81 -18.03
N ALA D 114 27.92 -31.83 -19.36
CA ALA D 114 26.74 -31.66 -20.19
C ALA D 114 25.83 -32.87 -20.00
N PRO D 115 24.51 -32.63 -20.03
CA PRO D 115 23.58 -33.73 -19.77
C PRO D 115 23.54 -34.74 -20.92
N SER D 116 23.26 -35.99 -20.60
CA SER D 116 22.85 -36.93 -21.62
C SER D 116 21.33 -36.88 -21.71
N VAL D 117 20.81 -36.87 -22.93
CA VAL D 117 19.38 -36.70 -23.16
C VAL D 117 18.83 -37.87 -23.98
N THR D 118 17.89 -38.59 -23.39
CA THR D 118 17.28 -39.72 -24.09
C THR D 118 15.80 -39.49 -24.15
N LEU D 119 15.24 -39.51 -25.35
CA LEU D 119 13.84 -39.23 -25.55
C LEU D 119 13.07 -40.46 -26.02
N PHE D 120 12.11 -40.91 -25.23
CA PHE D 120 11.25 -42.00 -25.64
C PHE D 120 9.89 -41.53 -26.12
N PRO D 121 9.44 -42.03 -27.28
CA PRO D 121 8.09 -41.86 -27.82
C PRO D 121 7.12 -42.72 -27.04
N PRO D 122 5.81 -42.47 -27.18
CA PRO D 122 4.80 -43.31 -26.53
C PRO D 122 4.97 -44.79 -26.94
N SER D 123 4.86 -45.69 -25.98
CA SER D 123 4.95 -47.11 -26.31
C SER D 123 3.71 -47.55 -27.09
N SER D 124 3.85 -48.62 -27.85
CA SER D 124 2.72 -49.19 -28.58
C SER D 124 1.60 -49.56 -27.60
N GLU D 125 1.99 -50.10 -26.44
CA GLU D 125 1.04 -50.49 -25.40
C GLU D 125 0.18 -49.34 -24.84
N GLU D 126 0.82 -48.22 -24.49
CA GLU D 126 0.09 -47.06 -23.99
C GLU D 126 -0.81 -46.49 -25.06
N LEU D 127 -0.34 -46.55 -26.31
CA LEU D 127 -1.11 -46.04 -27.44
C LEU D 127 -2.32 -46.91 -27.68
N GLN D 128 -2.14 -48.21 -27.51
CA GLN D 128 -3.26 -49.15 -27.62
C GLN D 128 -4.22 -48.97 -26.46
N ALA D 129 -3.74 -48.34 -25.39
CA ALA D 129 -4.59 -47.99 -24.25
C ALA D 129 -5.13 -46.56 -24.34
N ASN D 130 -5.10 -46.00 -25.56
CA ASN D 130 -5.69 -44.68 -25.85
C ASN D 130 -5.05 -43.51 -25.09
N LYS D 131 -3.77 -43.65 -24.77
CA LYS D 131 -3.02 -42.56 -24.15
C LYS D 131 -1.63 -42.44 -24.81
N ALA D 132 -0.89 -41.41 -24.44
CA ALA D 132 0.44 -41.17 -25.02
C ALA D 132 1.30 -40.27 -24.16
N THR D 133 2.49 -40.76 -23.81
CA THR D 133 3.43 -39.98 -23.01
C THR D 133 4.82 -39.96 -23.63
N LEU D 134 5.32 -38.75 -23.89
CA LEU D 134 6.69 -38.57 -24.35
C LEU D 134 7.57 -38.42 -23.13
N VAL D 135 8.65 -39.18 -23.08
CA VAL D 135 9.50 -39.16 -21.91
C VAL D 135 10.89 -38.66 -22.27
N CYS D 136 11.27 -37.54 -21.68
CA CYS D 136 12.59 -36.96 -21.89
C CYS D 136 13.46 -37.16 -20.65
N LEU D 137 14.45 -38.04 -20.77
CA LEU D 137 15.30 -38.40 -19.64
C LEU D 137 16.66 -37.70 -19.69
N ILE D 138 16.99 -37.04 -18.59
CA ILE D 138 18.15 -36.15 -18.55
C ILE D 138 19.07 -36.55 -17.41
N SER D 139 20.32 -36.86 -17.72
CA SER D 139 21.20 -37.41 -16.69
C SER D 139 22.64 -36.96 -16.78
N ASP D 140 23.37 -37.22 -15.69
CA ASP D 140 24.80 -36.98 -15.59
C ASP D 140 25.22 -35.55 -15.89
N PHE D 141 24.39 -34.59 -15.48
CA PHE D 141 24.76 -33.20 -15.66
C PHE D 141 25.15 -32.50 -14.36
N TYR D 142 25.97 -31.48 -14.51
CA TYR D 142 26.38 -30.61 -13.42
C TYR D 142 26.89 -29.35 -14.07
N PRO D 143 26.47 -28.17 -13.57
CA PRO D 143 25.59 -27.87 -12.42
C PRO D 143 24.18 -28.45 -12.50
N GLY D 144 23.55 -28.59 -11.34
CA GLY D 144 22.25 -29.23 -11.26
C GLY D 144 21.08 -28.30 -11.55
N ALA D 145 21.12 -27.63 -12.69
CA ALA D 145 19.98 -26.82 -13.10
C ALA D 145 19.83 -26.95 -14.59
N VAL D 146 18.60 -26.92 -15.06
CA VAL D 146 18.30 -27.23 -16.43
C VAL D 146 16.90 -26.67 -16.72
N THR D 147 16.69 -26.17 -17.93
CA THR D 147 15.33 -25.79 -18.37
C THR D 147 14.90 -26.60 -19.59
N VAL D 148 13.63 -26.97 -19.65
CA VAL D 148 13.17 -27.88 -20.70
C VAL D 148 12.02 -27.31 -21.50
N ALA D 149 12.19 -27.29 -22.81
CA ALA D 149 11.14 -26.85 -23.72
C ALA D 149 10.78 -27.97 -24.67
N TRP D 150 9.52 -28.00 -25.08
CA TRP D 150 9.06 -29.02 -26.00
C TRP D 150 8.57 -28.39 -27.29
N LYS D 151 8.60 -29.16 -28.36
CA LYS D 151 8.11 -28.69 -29.66
C LYS D 151 7.28 -29.74 -30.40
N ALA D 152 6.22 -29.27 -31.04
CA ALA D 152 5.45 -30.08 -31.97
C ALA D 152 5.76 -29.54 -33.36
N ASP D 153 6.40 -30.36 -34.18
CA ASP D 153 6.95 -29.91 -35.45
C ASP D 153 7.86 -28.71 -35.21
N SER D 154 7.40 -27.52 -35.60
CA SER D 154 8.20 -26.31 -35.42
C SER D 154 7.58 -25.34 -34.41
N SER D 155 6.39 -25.68 -33.91
CA SER D 155 5.70 -24.85 -32.92
C SER D 155 6.05 -25.31 -31.51
N PRO D 156 6.10 -24.36 -30.56
CA PRO D 156 6.30 -24.66 -29.14
C PRO D 156 5.02 -25.19 -28.50
N VAL D 157 5.16 -26.11 -27.55
CA VAL D 157 4.03 -26.60 -26.77
C VAL D 157 4.34 -26.46 -25.29
N LYS D 158 3.40 -25.89 -24.54
CA LYS D 158 3.62 -25.69 -23.11
C LYS D 158 2.52 -26.35 -22.28
N ALA D 159 1.44 -26.74 -22.93
CA ALA D 159 0.35 -27.45 -22.26
C ALA D 159 0.57 -28.95 -22.24
N GLY D 160 0.70 -29.51 -21.04
CA GLY D 160 0.89 -30.95 -20.89
C GLY D 160 2.30 -31.34 -20.51
N VAL D 161 3.12 -30.35 -20.20
CA VAL D 161 4.51 -30.57 -19.80
C VAL D 161 4.67 -30.63 -18.28
N GLU D 162 5.35 -31.67 -17.81
CA GLU D 162 5.67 -31.81 -16.41
C GLU D 162 7.17 -32.09 -16.27
N THR D 163 7.85 -31.24 -15.52
CA THR D 163 9.28 -31.39 -15.33
C THR D 163 9.62 -31.42 -13.85
N THR D 164 10.49 -32.36 -13.48
CA THR D 164 10.96 -32.50 -12.11
C THR D 164 12.09 -31.52 -11.83
N THR D 165 12.32 -31.23 -10.55
CA THR D 165 13.52 -30.52 -10.15
C THR D 165 14.66 -31.53 -10.15
N PRO D 166 15.86 -31.10 -10.54
CA PRO D 166 16.99 -32.03 -10.59
C PRO D 166 17.34 -32.60 -9.21
N SER D 167 17.88 -33.80 -9.14
CA SER D 167 18.37 -34.34 -7.88
C SER D 167 19.64 -35.15 -8.08
N LYS D 168 20.39 -35.33 -6.99
CA LYS D 168 21.74 -35.89 -7.05
C LYS D 168 21.73 -37.41 -7.23
N GLN D 169 22.49 -37.88 -8.22
CA GLN D 169 22.63 -39.32 -8.48
C GLN D 169 23.66 -39.93 -7.54
N SER D 170 23.90 -41.22 -7.70
CA SER D 170 24.92 -41.94 -6.95
C SER D 170 26.29 -41.32 -7.17
N ASN D 171 26.54 -40.85 -8.38
CA ASN D 171 27.85 -40.37 -8.78
C ASN D 171 28.05 -38.87 -8.60
N ASN D 172 27.24 -38.27 -7.71
CA ASN D 172 27.32 -36.84 -7.43
C ASN D 172 26.96 -35.87 -8.56
N LYS D 173 26.53 -36.39 -9.71
CA LYS D 173 25.95 -35.55 -10.75
C LYS D 173 24.43 -35.54 -10.61
N TYR D 174 23.75 -34.76 -11.44
CA TYR D 174 22.31 -34.57 -11.32
C TYR D 174 21.47 -35.22 -12.42
N ALA D 175 20.23 -35.53 -12.08
CA ALA D 175 19.29 -36.12 -13.02
C ALA D 175 17.95 -35.42 -12.93
N ALA D 176 17.21 -35.45 -14.03
CA ALA D 176 15.89 -34.83 -14.14
C ALA D 176 15.13 -35.48 -15.28
N SER D 177 13.84 -35.21 -15.36
CA SER D 177 13.00 -35.80 -16.41
C SER D 177 11.83 -34.89 -16.75
N SER D 178 11.41 -34.95 -18.01
CA SER D 178 10.31 -34.14 -18.47
C SER D 178 9.34 -34.99 -19.27
N TYR D 179 8.05 -34.85 -18.95
CA TYR D 179 7.01 -35.63 -19.58
C TYR D 179 6.08 -34.73 -20.37
N LEU D 180 5.78 -35.14 -21.60
CA LEU D 180 4.77 -34.45 -22.39
C LEU D 180 3.58 -35.39 -22.63
N SER D 181 2.45 -35.10 -22.00
CA SER D 181 1.24 -35.90 -22.19
C SER D 181 0.45 -35.48 -23.43
N LEU D 182 0.23 -36.43 -24.33
CA LEU D 182 -0.55 -36.18 -25.52
C LEU D 182 -1.73 -37.15 -25.62
N THR D 183 -2.78 -36.75 -26.33
CA THR D 183 -3.79 -37.68 -26.77
C THR D 183 -3.18 -38.38 -27.97
N PRO D 184 -3.63 -39.60 -28.27
CA PRO D 184 -3.10 -40.38 -29.40
C PRO D 184 -3.15 -39.65 -30.73
N GLU D 185 -4.24 -38.93 -31.01
CA GLU D 185 -4.38 -38.23 -32.28
C GLU D 185 -3.30 -37.17 -32.44
N GLN D 186 -2.95 -36.52 -31.33
CA GLN D 186 -1.94 -35.47 -31.32
C GLN D 186 -0.56 -36.00 -31.65
N TRP D 187 -0.23 -37.16 -31.10
CA TRP D 187 1.05 -37.79 -31.39
C TRP D 187 1.19 -38.15 -32.88
N LYS D 188 0.06 -38.41 -33.53
CA LYS D 188 0.06 -38.71 -34.95
C LYS D 188 -0.26 -37.47 -35.80
N SER D 189 -0.65 -36.38 -35.16
CA SER D 189 -1.04 -35.16 -35.88
C SER D 189 0.16 -34.39 -36.42
N HIS D 190 1.35 -34.70 -35.90
CA HIS D 190 2.55 -33.96 -36.26
C HIS D 190 3.63 -34.87 -36.84
N ARG D 191 4.55 -34.28 -37.57
CA ARG D 191 5.64 -35.03 -38.19
C ARG D 191 6.68 -35.44 -37.17
N SER D 192 6.87 -34.60 -36.15
CA SER D 192 7.87 -34.87 -35.12
C SER D 192 7.59 -34.14 -33.81
N TYR D 193 8.16 -34.66 -32.73
CA TYR D 193 8.20 -33.96 -31.46
C TYR D 193 9.64 -33.84 -30.98
N SER D 194 9.93 -32.75 -30.28
CA SER D 194 11.31 -32.50 -29.85
C SER D 194 11.38 -32.09 -28.39
N CYS D 195 12.34 -32.66 -27.69
CA CYS D 195 12.66 -32.23 -26.34
C CYS D 195 13.93 -31.37 -26.38
N GLN D 196 13.86 -30.15 -25.85
CA GLN D 196 15.01 -29.24 -25.87
C GLN D 196 15.52 -28.98 -24.46
N VAL D 197 16.77 -29.35 -24.21
CA VAL D 197 17.33 -29.27 -22.87
C VAL D 197 18.46 -28.25 -22.79
N THR D 198 18.24 -27.20 -22.00
CA THR D 198 19.21 -26.11 -21.89
C THR D 198 20.02 -26.22 -20.61
N HIS D 199 21.35 -26.17 -20.74
CA HIS D 199 22.26 -26.32 -19.63
C HIS D 199 23.47 -25.42 -19.82
N GLU D 200 23.62 -24.44 -18.94
CA GLU D 200 24.70 -23.47 -19.03
C GLU D 200 24.67 -22.76 -20.39
N GLY D 201 23.50 -22.25 -20.76
CA GLY D 201 23.36 -21.48 -21.99
C GLY D 201 23.37 -22.29 -23.28
N SER D 202 23.71 -23.57 -23.18
CA SER D 202 23.75 -24.45 -24.35
C SER D 202 22.55 -25.39 -24.37
N THR D 203 22.07 -25.71 -25.57
CA THR D 203 20.83 -26.48 -25.70
C THR D 203 20.99 -27.70 -26.62
N VAL D 204 20.61 -28.88 -26.11
CA VAL D 204 20.56 -30.09 -26.91
C VAL D 204 19.12 -30.50 -27.17
N GLU D 205 18.81 -30.81 -28.43
CA GLU D 205 17.47 -31.21 -28.81
C GLU D 205 17.42 -32.62 -29.39
N LYS D 206 16.58 -33.46 -28.80
CA LYS D 206 16.30 -34.78 -29.34
C LYS D 206 14.93 -34.76 -29.97
N THR D 207 14.75 -35.53 -31.05
CA THR D 207 13.46 -35.58 -31.72
C THR D 207 13.01 -37.01 -31.99
N VAL D 208 11.69 -37.23 -31.95
CA VAL D 208 11.13 -38.51 -32.33
C VAL D 208 9.93 -38.29 -33.24
N ALA D 209 9.58 -39.32 -34.00
CA ALA D 209 8.48 -39.25 -34.93
C ALA D 209 7.67 -40.53 -34.84
N PRO D 210 6.37 -40.47 -35.20
CA PRO D 210 5.57 -41.70 -35.16
C PRO D 210 5.72 -42.54 -36.43
O1 MES E . -36.81 40.23 25.44
C2 MES E . -36.14 39.18 24.73
C3 MES E . -35.33 39.74 23.58
N4 MES E . -36.12 40.70 22.81
C5 MES E . -36.97 41.67 23.49
C6 MES E . -37.73 40.92 24.59
C7 MES E . -35.49 41.14 21.57
C8 MES E . -36.44 42.12 20.89
S MES E . -35.72 42.68 19.50
O1S MES E . -35.94 41.71 18.41
O2S MES E . -36.31 43.99 19.15
O3S MES E . -34.27 42.85 19.73
C1 PGE F . 5.71 1.14 -2.46
O1 PGE F . 6.23 0.96 -3.73
C2 PGE F . 6.59 1.78 -1.44
O2 PGE F . 6.91 1.01 -0.35
C3 PGE F . 7.44 1.63 0.76
C4 PGE F . 8.44 0.87 1.56
O4 PGE F . 11.78 3.47 2.29
C6 PGE F . 10.99 3.44 1.15
C5 PGE F . 10.30 2.16 0.85
O3 PGE F . 9.60 1.55 1.87
CL CL G . 12.42 12.46 -3.24
O1 PG4 H . 5.02 -2.68 5.66
C1 PG4 H . 3.82 -2.07 5.35
C2 PG4 H . 2.83 -2.80 4.48
O2 PG4 H . 1.87 -3.56 5.09
C3 PG4 H . 0.62 -3.71 4.54
C4 PG4 H . 0.57 -4.29 3.19
O3 PG4 H . -0.54 -3.97 2.46
C5 PG4 H . -0.69 -4.53 1.22
C6 PG4 H . -0.01 -3.85 0.10
O4 PG4 H . 1.35 -4.04 -0.01
C7 PG4 H . 1.89 -4.12 -1.28
C8 PG4 H . 3.05 -3.24 -1.57
O5 PG4 H . 3.97 -3.09 -0.56
O1 MES I . 4.91 -60.68 -9.54
C2 MES I . 5.63 -61.77 -10.11
C3 MES I . 6.87 -62.13 -9.28
N4 MES I . 7.60 -60.90 -9.01
C5 MES I . 6.86 -59.79 -8.40
C6 MES I . 5.70 -59.50 -9.35
C7 MES I . 8.99 -61.08 -8.60
C8 MES I . 9.58 -59.70 -8.31
S MES I . 11.21 -59.89 -7.99
O1S MES I . 12.00 -59.16 -9.01
O2S MES I . 11.49 -59.31 -6.66
O3S MES I . 11.58 -61.31 -8.04
O1 PG4 J . 0.28 5.14 -3.36
C1 PG4 J . 0.14 4.97 -2.00
C2 PG4 J . -1.07 4.26 -1.52
O2 PG4 J . -1.43 4.40 -0.21
C3 PG4 J . -2.72 4.12 0.17
C4 PG4 J . -3.28 2.77 -0.11
O3 PG4 J . -4.30 2.71 -1.03
C5 PG4 J . -5.00 1.54 -1.22
C6 PG4 J . -5.09 1.05 -2.61
O4 PG4 J . -5.36 1.97 -3.60
C7 PG4 J . -4.69 1.93 -4.79
C8 PG4 J . -3.35 2.57 -4.80
O5 PG4 J . -2.89 3.16 -3.63
C1 PGE K . 9.34 -27.94 2.03
O1 PGE K . 9.44 -28.30 0.69
C2 PGE K . 10.33 -27.00 2.66
O2 PGE K . 11.00 -26.08 1.86
C3 PGE K . 11.97 -25.27 2.42
C4 PGE K . 12.84 -24.51 1.46
O4 PGE K . 14.87 -26.41 -1.55
C6 PGE K . 14.97 -25.12 -1.08
C5 PGE K . 13.69 -24.39 -0.78
O3 PGE K . 12.84 -24.94 0.14
CL CL L . 15.45 2.02 -8.87
#